data_9E1T
#
_entry.id   9E1T
#
_cell.length_a   1.00
_cell.length_b   1.00
_cell.length_c   1.00
_cell.angle_alpha   90.00
_cell.angle_beta   90.00
_cell.angle_gamma   90.00
#
_symmetry.space_group_name_H-M   'P 1'
#
loop_
_entity.id
_entity.type
_entity.pdbx_description
1 polymer 'Xylosyl- and glucuronyltransferase LARGE1'
2 non-polymer 'MANGANESE (II) ION'
3 non-polymer "URIDINE-5'-DIPHOSPHATE-GLUCURONIC ACID"
#
_entity_poly.entity_id   1
_entity_poly.type   'polypeptide(L)'
_entity_poly.pdbx_seq_one_letter_code
;MSALLILALVGAAVADYKDHDGDYKDHDIDYKDDDDKLAAAFEDGKPVSLSPLESQAHSPRYTASSQRERESLEVRMREV
EEENRALRRQLSLAQGRAPSHRRGNHSKTYSMEEGTGDSENLRAGIVAGNSSECGQQPVVEKCETIHVAIVCAGYNASRD
VVTLVKSVLFHRRNPLHFHLIADSIAEQILATLFQTWMVPAVRVDFYNADELKSEVSWIPNKHYSGIYGLMKLVLTKTLP
ANLERVIVLDTDITFATDIAELWAVFHKFKGQQVLGLVENQSDWYLGNLWKNHRPWPALGRGYNTGVILLLLDKLRKMKW
EQMWRLTAERELMGMLSTSLADQDIFNAVIKQNPFLVYQLPCFWNVQLSDHTRSEQCYRDVSDLKVIHWNSPKKLRVKNK
HVEFFRNLYLTFLEYDGNLLRRELFGCPSEADVNSENLQKQLSELDEDDLCYEFRRERFTVHRTHLYFLHYEYEPAADST
DVTLVAQLSMDRLQMLEAICKHWEGPISLALYLSDAEAQQFLRYAQGSEVLMSRHNVGYHIVYKEGQFYPVNLLRNVAMK
HISTPYMFLSDIDFLPMYGLYEYLRKSVIQLDLANTKKAMIVPAFETLRYRLSFPKSKAELLSMLDMGTLFTFRYHVWTK
GHAPTNFAKWRTATTPYRVEWEADFEPYVVVRRDCPEYDRRFVGFGWNKVAHIMELDVQEYEFIVLPNAYMIHMPHAPSF
DITKFRSNKQYRICLKTLKEEFQQDMSRRYGFAALKYLTAENNSHHHHHH
;
_entity_poly.pdbx_strand_id   A,B
#
# COMPACT_ATOMS: atom_id res chain seq x y z
N LYS A 142 -34.05 -9.84 5.34
CA LYS A 142 -32.82 -9.24 5.85
C LYS A 142 -31.60 -9.76 5.10
N CYS A 143 -31.51 -11.08 4.97
CA CYS A 143 -30.41 -11.74 4.25
C CYS A 143 -30.83 -12.21 2.87
N GLU A 144 -31.71 -11.48 2.21
CA GLU A 144 -32.17 -11.88 0.88
C GLU A 144 -31.03 -11.78 -0.13
N THR A 145 -30.91 -12.81 -0.96
CA THR A 145 -29.83 -12.85 -1.95
C THR A 145 -30.12 -11.89 -3.09
N ILE A 146 -29.14 -11.05 -3.41
CA ILE A 146 -29.24 -10.09 -4.50
C ILE A 146 -28.42 -10.62 -5.66
N HIS A 147 -29.06 -10.73 -6.82
CA HIS A 147 -28.44 -11.32 -8.01
C HIS A 147 -28.01 -10.21 -8.96
N VAL A 148 -26.73 -10.20 -9.32
CA VAL A 148 -26.14 -9.19 -10.19
C VAL A 148 -25.56 -9.90 -11.40
N ALA A 149 -25.98 -9.50 -12.59
CA ALA A 149 -25.51 -10.08 -13.84
C ALA A 149 -24.57 -9.10 -14.54
N ILE A 150 -23.36 -9.57 -14.83
CA ILE A 150 -22.32 -8.75 -15.45
C ILE A 150 -21.78 -9.48 -16.67
N VAL A 151 -21.61 -8.74 -17.77
CA VAL A 151 -21.04 -9.28 -18.99
C VAL A 151 -19.60 -8.81 -19.09
N CYS A 152 -18.65 -9.74 -19.16
CA CYS A 152 -17.23 -9.42 -19.17
C CYS A 152 -16.55 -10.14 -20.33
N ALA A 153 -15.61 -9.45 -20.97
CA ALA A 153 -14.88 -10.04 -22.10
C ALA A 153 -13.58 -9.28 -22.29
N GLY A 154 -12.46 -9.95 -22.00
CA GLY A 154 -11.14 -9.35 -22.17
C GLY A 154 -10.49 -9.01 -20.85
N TYR A 155 -9.21 -8.64 -20.95
CA TYR A 155 -8.44 -8.30 -19.76
C TYR A 155 -8.82 -6.92 -19.22
N ASN A 156 -9.06 -5.97 -20.12
CA ASN A 156 -9.55 -4.65 -19.68
C ASN A 156 -10.90 -4.79 -19.00
N ALA A 157 -11.79 -5.59 -19.58
CA ALA A 157 -13.09 -5.84 -18.95
C ALA A 157 -12.93 -6.57 -17.64
N SER A 158 -11.93 -7.45 -17.53
CA SER A 158 -11.68 -8.13 -16.26
C SER A 158 -11.26 -7.14 -15.18
N ARG A 159 -10.36 -6.21 -15.51
CA ARG A 159 -9.98 -5.19 -14.55
C ARG A 159 -11.18 -4.33 -14.16
N ASP A 160 -12.00 -3.95 -15.15
CA ASP A 160 -13.17 -3.13 -14.88
C ASP A 160 -14.16 -3.85 -13.98
N VAL A 161 -14.39 -5.15 -14.21
CA VAL A 161 -15.34 -5.88 -13.38
C VAL A 161 -14.75 -6.11 -12.00
N VAL A 162 -13.43 -6.21 -11.86
CA VAL A 162 -12.82 -6.26 -10.53
C VAL A 162 -13.13 -4.96 -9.79
N THR A 163 -12.97 -3.83 -10.46
CA THR A 163 -13.28 -2.54 -9.84
C THR A 163 -14.75 -2.45 -9.44
N LEU A 164 -15.63 -2.90 -10.34
CA LEU A 164 -17.07 -2.87 -10.06
C LEU A 164 -17.42 -3.76 -8.87
N VAL A 165 -16.84 -4.96 -8.81
CA VAL A 165 -17.12 -5.86 -7.70
C VAL A 165 -16.60 -5.28 -6.39
N LYS A 166 -15.43 -4.64 -6.41
CA LYS A 166 -14.94 -3.97 -5.21
C LYS A 166 -15.89 -2.88 -4.77
N SER A 167 -16.39 -2.08 -5.71
CA SER A 167 -17.32 -1.00 -5.37
C SER A 167 -18.60 -1.56 -4.78
N VAL A 168 -19.13 -2.62 -5.36
CA VAL A 168 -20.37 -3.22 -4.86
C VAL A 168 -20.16 -3.81 -3.48
N LEU A 169 -19.04 -4.50 -3.28
CA LEU A 169 -18.80 -5.16 -1.99
C LEU A 169 -18.50 -4.15 -0.88
N PHE A 170 -17.98 -2.98 -1.23
CA PHE A 170 -17.70 -1.98 -0.21
C PHE A 170 -18.98 -1.44 0.45
N HIS A 171 -20.13 -1.56 -0.20
CA HIS A 171 -21.38 -1.04 0.33
C HIS A 171 -22.43 -2.12 0.59
N ARG A 172 -22.12 -3.39 0.30
CA ARG A 172 -23.14 -4.43 0.39
C ARG A 172 -23.54 -4.69 1.84
N ARG A 173 -24.78 -5.14 2.02
CA ARG A 173 -25.27 -5.61 3.31
C ARG A 173 -26.08 -6.88 3.21
N ASN A 174 -26.23 -7.45 2.03
CA ASN A 174 -27.00 -8.66 1.77
C ASN A 174 -26.17 -9.62 0.95
N PRO A 175 -26.49 -10.91 0.98
CA PRO A 175 -25.74 -11.88 0.15
C PRO A 175 -25.81 -11.53 -1.32
N LEU A 176 -24.70 -11.78 -2.02
CA LEU A 176 -24.55 -11.42 -3.42
C LEU A 176 -24.28 -12.64 -4.27
N HIS A 177 -24.98 -12.74 -5.40
CA HIS A 177 -24.80 -13.82 -6.36
C HIS A 177 -24.49 -13.17 -7.71
N PHE A 178 -23.24 -13.32 -8.15
CA PHE A 178 -22.80 -12.77 -9.43
C PHE A 178 -22.96 -13.80 -10.53
N HIS A 179 -23.53 -13.37 -11.64
CA HIS A 179 -23.69 -14.18 -12.84
C HIS A 179 -22.85 -13.51 -13.92
N LEU A 180 -21.68 -14.08 -14.23
CA LEU A 180 -20.73 -13.47 -15.13
C LEU A 180 -20.82 -14.16 -16.49
N ILE A 181 -21.35 -13.45 -17.47
CA ILE A 181 -21.36 -13.93 -18.85
C ILE A 181 -20.00 -13.56 -19.45
N ALA A 182 -19.13 -14.54 -19.60
CA ALA A 182 -17.76 -14.26 -19.98
C ALA A 182 -17.25 -15.32 -20.95
N ASP A 183 -16.34 -14.89 -21.83
CA ASP A 183 -15.61 -15.82 -22.68
C ASP A 183 -14.49 -16.48 -21.88
N SER A 184 -13.83 -17.44 -22.52
CA SER A 184 -12.81 -18.23 -21.82
C SER A 184 -11.69 -17.35 -21.29
N ILE A 185 -11.25 -16.37 -22.08
CA ILE A 185 -10.17 -15.49 -21.67
C ILE A 185 -10.51 -14.79 -20.36
N ALA A 186 -11.70 -14.20 -20.28
CA ALA A 186 -12.13 -13.57 -19.04
C ALA A 186 -12.56 -14.58 -18.00
N GLU A 187 -13.11 -15.73 -18.43
CA GLU A 187 -13.59 -16.72 -17.49
C GLU A 187 -12.46 -17.28 -16.63
N GLN A 188 -11.32 -17.60 -17.24
CA GLN A 188 -10.20 -18.13 -16.47
C GLN A 188 -9.72 -17.12 -15.44
N ILE A 189 -9.55 -15.86 -15.87
CA ILE A 189 -9.05 -14.82 -14.98
C ILE A 189 -10.00 -14.62 -13.81
N LEU A 190 -11.30 -14.49 -14.10
CA LEU A 190 -12.27 -14.21 -13.05
C LEU A 190 -12.43 -15.41 -12.12
N ALA A 191 -12.41 -16.62 -12.67
CA ALA A 191 -12.53 -17.81 -11.85
C ALA A 191 -11.36 -17.92 -10.88
N THR A 192 -10.14 -17.72 -11.37
CA THR A 192 -8.98 -17.76 -10.48
C THR A 192 -9.04 -16.65 -9.44
N LEU A 193 -9.44 -15.44 -9.88
CA LEU A 193 -9.49 -14.31 -8.96
C LEU A 193 -10.48 -14.54 -7.84
N PHE A 194 -11.68 -15.04 -8.16
CA PHE A 194 -12.68 -15.25 -7.13
C PHE A 194 -12.37 -16.48 -6.29
N GLN A 195 -11.71 -17.49 -6.86
CA GLN A 195 -11.28 -18.63 -6.06
C GLN A 195 -10.25 -18.20 -5.02
N THR A 196 -9.30 -17.36 -5.41
CA THR A 196 -8.27 -16.91 -4.48
C THR A 196 -8.74 -15.77 -3.57
N TRP A 197 -9.83 -15.08 -3.94
CA TRP A 197 -10.28 -13.91 -3.18
C TRP A 197 -10.94 -14.32 -1.86
N MET A 198 -11.78 -15.35 -1.90
CA MET A 198 -12.45 -15.89 -0.70
C MET A 198 -13.31 -14.83 -0.01
N VAL A 199 -14.18 -14.19 -0.79
CA VAL A 199 -15.10 -13.19 -0.24
C VAL A 199 -16.29 -13.91 0.36
N PRO A 200 -16.58 -13.72 1.64
CA PRO A 200 -17.73 -14.40 2.26
C PRO A 200 -19.04 -13.91 1.66
N ALA A 201 -20.03 -14.81 1.66
CA ALA A 201 -21.40 -14.51 1.23
C ALA A 201 -21.45 -13.99 -0.21
N VAL A 202 -20.53 -14.47 -1.05
CA VAL A 202 -20.52 -14.14 -2.47
C VAL A 202 -20.46 -15.43 -3.26
N ARG A 203 -21.47 -15.67 -4.09
CA ARG A 203 -21.55 -16.86 -4.92
C ARG A 203 -21.42 -16.44 -6.38
N VAL A 204 -20.41 -16.95 -7.07
CA VAL A 204 -20.10 -16.53 -8.42
C VAL A 204 -20.32 -17.70 -9.36
N ASP A 205 -21.06 -17.45 -10.44
CA ASP A 205 -21.28 -18.44 -11.48
C ASP A 205 -20.91 -17.85 -12.83
N PHE A 206 -20.48 -18.70 -13.75
CA PHE A 206 -19.98 -18.27 -15.03
C PHE A 206 -20.80 -18.87 -16.17
N TYR A 207 -20.93 -18.11 -17.24
CA TYR A 207 -21.71 -18.52 -18.40
C TYR A 207 -20.92 -18.27 -19.67
N ASN A 208 -20.94 -19.25 -20.57
CA ASN A 208 -20.19 -19.17 -21.82
C ASN A 208 -20.77 -18.08 -22.69
N ALA A 209 -20.00 -17.00 -22.90
CA ALA A 209 -20.47 -15.92 -23.77
C ALA A 209 -20.39 -16.29 -25.24
N ASP A 210 -19.46 -17.18 -25.61
CA ASP A 210 -19.31 -17.54 -27.02
C ASP A 210 -20.56 -18.23 -27.55
N GLU A 211 -21.19 -19.08 -26.73
CA GLU A 211 -22.39 -19.79 -27.17
C GLU A 211 -23.51 -18.81 -27.51
N LEU A 212 -23.49 -17.62 -26.93
CA LEU A 212 -24.50 -16.60 -27.21
C LEU A 212 -24.18 -15.77 -28.44
N LYS A 213 -22.97 -15.91 -29.00
CA LYS A 213 -22.59 -15.10 -30.15
C LYS A 213 -23.51 -15.34 -31.33
N SER A 214 -23.84 -16.61 -31.60
CA SER A 214 -24.77 -16.93 -32.68
C SER A 214 -26.14 -16.32 -32.45
N GLU A 215 -26.48 -15.99 -31.21
CA GLU A 215 -27.75 -15.33 -30.92
C GLU A 215 -27.76 -13.88 -31.39
N VAL A 216 -26.60 -13.25 -31.54
CA VAL A 216 -26.52 -11.86 -31.95
C VAL A 216 -25.54 -11.71 -33.11
N SER A 217 -25.17 -12.84 -33.73
CA SER A 217 -24.27 -12.77 -34.87
C SER A 217 -24.91 -12.09 -36.07
N TRP A 218 -26.24 -12.06 -36.12
CA TRP A 218 -26.96 -11.45 -37.24
C TRP A 218 -27.13 -9.94 -37.08
N ILE A 219 -26.72 -9.37 -35.95
CA ILE A 219 -26.87 -7.94 -35.68
C ILE A 219 -25.51 -7.28 -35.86
N PRO A 220 -25.30 -6.49 -36.91
CA PRO A 220 -24.04 -5.73 -37.02
C PRO A 220 -23.91 -4.75 -35.87
N ASN A 221 -22.67 -4.59 -35.39
CA ASN A 221 -22.39 -3.71 -34.26
C ASN A 221 -21.13 -2.90 -34.54
N LYS A 222 -21.12 -1.66 -34.04
CA LYS A 222 -19.97 -0.78 -34.17
C LYS A 222 -19.47 -0.23 -32.84
N HIS A 223 -20.16 -0.51 -31.74
CA HIS A 223 -19.69 -0.09 -30.43
C HIS A 223 -18.38 -0.80 -30.07
N TYR A 224 -17.52 -0.10 -29.33
CA TYR A 224 -16.20 -0.63 -29.02
C TYR A 224 -16.27 -1.88 -28.17
N SER A 225 -17.38 -2.12 -27.47
CA SER A 225 -17.54 -3.36 -26.72
C SER A 225 -17.72 -4.57 -27.63
N GLY A 226 -17.99 -4.35 -28.91
CA GLY A 226 -18.09 -5.45 -29.85
C GLY A 226 -19.36 -6.26 -29.69
N ILE A 227 -19.32 -7.48 -30.24
CA ILE A 227 -20.48 -8.36 -30.20
C ILE A 227 -20.87 -8.68 -28.77
N TYR A 228 -19.92 -8.69 -27.85
CA TYR A 228 -20.22 -8.95 -26.44
C TYR A 228 -21.15 -7.89 -25.86
N GLY A 229 -21.26 -6.72 -26.49
CA GLY A 229 -22.20 -5.72 -26.04
C GLY A 229 -23.65 -6.00 -26.39
N LEU A 230 -23.90 -6.96 -27.27
CA LEU A 230 -25.26 -7.30 -27.69
C LEU A 230 -25.86 -8.43 -26.88
N MET A 231 -25.15 -8.95 -25.88
CA MET A 231 -25.60 -10.14 -25.17
C MET A 231 -26.56 -9.85 -24.03
N LYS A 232 -26.61 -8.61 -23.54
CA LYS A 232 -27.52 -8.29 -22.43
C LYS A 232 -28.98 -8.51 -22.81
N LEU A 233 -29.28 -8.57 -24.10
CA LEU A 233 -30.65 -8.88 -24.53
C LEU A 233 -31.02 -10.32 -24.21
N VAL A 234 -30.07 -11.25 -24.34
CA VAL A 234 -30.39 -12.68 -24.27
C VAL A 234 -30.11 -13.25 -22.88
N LEU A 235 -29.97 -12.38 -21.87
CA LEU A 235 -29.68 -12.87 -20.52
C LEU A 235 -30.79 -13.77 -20.00
N THR A 236 -32.05 -13.44 -20.33
CA THR A 236 -33.17 -14.28 -19.92
C THR A 236 -33.03 -15.70 -20.47
N LYS A 237 -32.40 -15.85 -21.64
CA LYS A 237 -32.16 -17.18 -22.18
C LYS A 237 -31.03 -17.90 -21.46
N THR A 238 -30.07 -17.15 -20.91
CA THR A 238 -28.89 -17.76 -20.31
C THR A 238 -29.06 -18.01 -18.82
N LEU A 239 -29.63 -17.06 -18.09
CA LEU A 239 -29.74 -17.20 -16.64
C LEU A 239 -30.68 -18.34 -16.28
N PRO A 240 -30.51 -18.94 -15.09
CA PRO A 240 -31.35 -20.06 -14.70
C PRO A 240 -32.82 -19.68 -14.64
N ALA A 241 -33.68 -20.66 -14.97
CA ALA A 241 -35.11 -20.41 -15.03
C ALA A 241 -35.73 -20.17 -13.67
N ASN A 242 -35.06 -20.57 -12.58
CA ASN A 242 -35.63 -20.39 -11.25
C ASN A 242 -35.38 -19.00 -10.67
N LEU A 243 -34.62 -18.16 -11.37
CA LEU A 243 -34.35 -16.81 -10.88
C LEU A 243 -35.44 -15.85 -11.33
N GLU A 244 -35.85 -14.97 -10.42
CA GLU A 244 -36.95 -14.05 -10.66
C GLU A 244 -36.45 -12.65 -11.04
N ARG A 245 -35.65 -12.03 -10.18
CA ARG A 245 -35.21 -10.66 -10.36
C ARG A 245 -33.69 -10.61 -10.38
N VAL A 246 -33.16 -9.65 -11.16
CA VAL A 246 -31.72 -9.51 -11.32
C VAL A 246 -31.38 -8.05 -11.61
N ILE A 247 -30.16 -7.66 -11.29
CA ILE A 247 -29.62 -6.33 -11.57
C ILE A 247 -28.51 -6.50 -12.58
N VAL A 248 -28.71 -6.03 -13.79
CA VAL A 248 -27.72 -6.13 -14.85
C VAL A 248 -26.85 -4.88 -14.83
N LEU A 249 -25.53 -5.08 -14.80
CA LEU A 249 -24.59 -3.98 -14.71
C LEU A 249 -23.59 -4.05 -15.87
N ASP A 250 -22.92 -2.93 -16.09
CA ASP A 250 -21.81 -2.83 -17.03
C ASP A 250 -20.49 -2.75 -16.26
N THR A 251 -19.40 -3.04 -16.98
CA THR A 251 -18.09 -3.11 -16.34
C THR A 251 -17.59 -1.75 -15.86
N ASP A 252 -18.14 -0.66 -16.38
CA ASP A 252 -17.71 0.70 -16.05
C ASP A 252 -18.63 1.36 -15.03
N ILE A 253 -19.17 0.58 -14.10
CA ILE A 253 -20.11 1.06 -13.09
C ILE A 253 -19.41 1.08 -11.74
N THR A 254 -19.69 2.12 -10.96
CA THR A 254 -19.18 2.23 -9.59
C THR A 254 -20.34 2.52 -8.66
N PHE A 255 -20.33 1.88 -7.50
CA PHE A 255 -21.40 2.01 -6.51
C PHE A 255 -20.90 2.84 -5.33
N ALA A 256 -21.65 3.90 -5.00
CA ALA A 256 -21.39 4.70 -3.82
C ALA A 256 -22.43 4.50 -2.74
N THR A 257 -23.39 3.59 -2.94
CA THR A 257 -24.42 3.31 -1.97
C THR A 257 -24.64 1.80 -1.93
N ASP A 258 -25.37 1.36 -0.91
CA ASP A 258 -25.68 -0.06 -0.77
C ASP A 258 -26.54 -0.53 -1.93
N ILE A 259 -26.17 -1.69 -2.50
CA ILE A 259 -26.94 -2.26 -3.59
C ILE A 259 -28.28 -2.78 -3.11
N ALA A 260 -28.42 -3.01 -1.79
CA ALA A 260 -29.72 -3.40 -1.24
C ALA A 260 -30.76 -2.31 -1.46
N GLU A 261 -30.33 -1.05 -1.46
CA GLU A 261 -31.27 0.04 -1.75
C GLU A 261 -31.83 -0.07 -3.16
N LEU A 262 -30.99 -0.41 -4.13
CA LEU A 262 -31.47 -0.62 -5.49
C LEU A 262 -32.31 -1.89 -5.61
N TRP A 263 -31.96 -2.93 -4.86
CA TRP A 263 -32.75 -4.16 -4.88
C TRP A 263 -34.13 -3.93 -4.27
N ALA A 264 -34.24 -3.03 -3.30
CA ALA A 264 -35.54 -2.71 -2.71
C ALA A 264 -36.47 -2.03 -3.70
N VAL A 265 -35.94 -1.42 -4.77
CA VAL A 265 -36.78 -0.78 -5.76
C VAL A 265 -37.65 -1.81 -6.50
N PHE A 266 -37.28 -3.09 -6.45
CA PHE A 266 -38.10 -4.11 -7.09
C PHE A 266 -39.48 -4.20 -6.46
N HIS A 267 -39.60 -3.86 -5.18
CA HIS A 267 -40.90 -3.87 -4.52
C HIS A 267 -41.85 -2.82 -5.07
N LYS A 268 -41.33 -1.79 -5.74
CA LYS A 268 -42.14 -0.67 -6.21
C LYS A 268 -42.63 -0.85 -7.63
N PHE A 269 -42.31 -1.96 -8.28
CA PHE A 269 -42.81 -2.21 -9.62
C PHE A 269 -44.30 -2.47 -9.59
N LYS A 270 -45.01 -1.92 -10.58
CA LYS A 270 -46.45 -2.10 -10.70
C LYS A 270 -46.81 -2.31 -12.15
N GLY A 271 -47.95 -2.97 -12.37
CA GLY A 271 -48.40 -3.21 -13.73
C GLY A 271 -47.45 -4.14 -14.48
N GLN A 272 -47.23 -3.82 -15.75
CA GLN A 272 -46.36 -4.61 -16.61
C GLN A 272 -44.95 -4.03 -16.72
N GLN A 273 -44.62 -3.02 -15.92
CA GLN A 273 -43.26 -2.48 -15.92
C GLN A 273 -42.29 -3.53 -15.40
N VAL A 274 -41.32 -3.91 -16.23
CA VAL A 274 -40.35 -4.93 -15.84
C VAL A 274 -38.90 -4.48 -15.99
N LEU A 275 -38.59 -3.50 -16.84
CA LEU A 275 -37.22 -3.06 -17.06
C LEU A 275 -37.01 -1.77 -16.27
N GLY A 276 -36.23 -1.85 -15.18
CA GLY A 276 -35.94 -0.66 -14.41
C GLY A 276 -34.78 0.10 -15.01
N LEU A 277 -35.07 1.17 -15.74
CA LEU A 277 -34.05 1.89 -16.50
C LEU A 277 -34.03 3.35 -16.11
N VAL A 278 -32.88 3.98 -16.34
CA VAL A 278 -32.67 5.40 -16.08
C VAL A 278 -32.64 6.12 -17.41
N GLU A 279 -33.36 7.24 -17.50
CA GLU A 279 -33.42 8.00 -18.74
C GLU A 279 -32.04 8.48 -19.14
N ASN A 280 -31.74 8.40 -20.43
CA ASN A 280 -30.45 8.82 -20.95
C ASN A 280 -30.23 10.30 -20.65
N GLN A 281 -29.02 10.62 -20.18
CA GLN A 281 -28.67 11.99 -19.81
C GLN A 281 -27.98 12.75 -20.93
N SER A 282 -27.86 12.16 -22.11
CA SER A 282 -27.27 12.79 -23.27
C SER A 282 -28.34 13.09 -24.32
N ASP A 283 -28.00 13.98 -25.25
CA ASP A 283 -28.88 14.33 -26.34
C ASP A 283 -28.67 13.47 -27.57
N TRP A 284 -28.14 12.26 -27.39
CA TRP A 284 -27.88 11.37 -28.52
C TRP A 284 -29.18 10.96 -29.20
N TYR A 285 -30.21 10.64 -28.43
CA TYR A 285 -31.48 10.20 -28.98
C TYR A 285 -32.43 11.36 -29.29
N LEU A 286 -32.08 12.58 -28.91
CA LEU A 286 -32.94 13.73 -29.18
C LEU A 286 -32.89 14.18 -30.64
N GLY A 287 -31.92 13.69 -31.42
CA GLY A 287 -31.80 14.06 -32.81
C GLY A 287 -31.20 15.44 -33.02
N PRO A 295 -30.39 8.85 -35.36
CA PRO A 295 -30.10 7.70 -34.48
C PRO A 295 -31.30 6.77 -34.34
N TRP A 296 -31.16 5.75 -33.50
CA TRP A 296 -32.25 4.81 -33.29
C TRP A 296 -33.42 5.50 -32.58
N PRO A 297 -34.65 5.16 -32.95
CA PRO A 297 -35.81 5.77 -32.29
C PRO A 297 -35.85 5.44 -30.81
N ALA A 298 -36.33 6.40 -30.02
CA ALA A 298 -36.39 6.24 -28.57
C ALA A 298 -37.48 7.14 -28.03
N LEU A 299 -37.87 6.89 -26.78
CA LEU A 299 -38.88 7.68 -26.10
C LEU A 299 -38.20 8.79 -25.32
N GLY A 300 -38.49 10.05 -25.69
CA GLY A 300 -37.84 11.16 -25.04
C GLY A 300 -36.35 11.14 -25.31
N ARG A 301 -35.56 11.27 -24.24
CA ARG A 301 -34.11 11.18 -24.35
C ARG A 301 -33.61 9.75 -24.48
N GLY A 302 -34.48 8.76 -24.28
CA GLY A 302 -34.06 7.37 -24.26
C GLY A 302 -33.63 6.94 -22.87
N TYR A 303 -33.37 5.64 -22.75
CA TYR A 303 -32.95 5.06 -21.49
C TYR A 303 -31.56 4.45 -21.63
N ASN A 304 -30.79 4.51 -20.55
CA ASN A 304 -29.42 4.03 -20.54
C ASN A 304 -29.35 2.63 -19.96
N THR A 305 -28.67 1.73 -20.67
CA THR A 305 -28.55 0.33 -20.26
C THR A 305 -27.36 0.08 -19.35
N GLY A 306 -26.76 1.13 -18.79
CA GLY A 306 -25.66 0.93 -17.86
C GLY A 306 -26.09 0.17 -16.62
N VAL A 307 -27.27 0.49 -16.09
CA VAL A 307 -27.86 -0.22 -14.96
C VAL A 307 -29.28 -0.62 -15.35
N ILE A 308 -29.58 -1.91 -15.24
CA ILE A 308 -30.88 -2.45 -15.61
C ILE A 308 -31.43 -3.25 -14.44
N LEU A 309 -32.73 -3.16 -14.21
CA LEU A 309 -33.43 -4.04 -13.28
C LEU A 309 -34.37 -4.92 -14.09
N LEU A 310 -34.22 -6.24 -13.96
CA LEU A 310 -34.99 -7.19 -14.75
C LEU A 310 -35.79 -8.09 -13.84
N LEU A 311 -37.04 -8.35 -14.22
CA LEU A 311 -37.87 -9.40 -13.63
C LEU A 311 -37.91 -10.53 -14.63
N LEU A 312 -37.08 -11.56 -14.40
CA LEU A 312 -36.91 -12.61 -15.40
C LEU A 312 -38.20 -13.40 -15.62
N ASP A 313 -38.94 -13.66 -14.55
CA ASP A 313 -40.15 -14.46 -14.67
C ASP A 313 -41.17 -13.79 -15.59
N LYS A 314 -41.39 -12.49 -15.40
CA LYS A 314 -42.36 -11.78 -16.23
C LYS A 314 -41.89 -11.66 -17.67
N LEU A 315 -40.59 -11.46 -17.87
CA LEU A 315 -40.06 -11.41 -19.24
C LEU A 315 -40.24 -12.74 -19.95
N ARG A 316 -40.01 -13.85 -19.24
CA ARG A 316 -40.21 -15.17 -19.83
C ARG A 316 -41.69 -15.42 -20.11
N LYS A 317 -42.57 -14.95 -19.22
CA LYS A 317 -44.01 -15.14 -19.45
C LYS A 317 -44.50 -14.33 -20.64
N MET A 318 -43.85 -13.20 -20.93
CA MET A 318 -44.26 -12.33 -22.03
C MET A 318 -43.51 -12.60 -23.33
N LYS A 319 -42.65 -13.63 -23.36
CA LYS A 319 -41.87 -13.96 -24.55
C LYS A 319 -41.03 -12.76 -25.01
N TRP A 320 -40.12 -12.35 -24.13
CA TRP A 320 -39.26 -11.21 -24.43
C TRP A 320 -38.35 -11.48 -25.62
N GLU A 321 -37.94 -12.73 -25.80
CA GLU A 321 -37.02 -13.07 -26.89
C GLU A 321 -37.63 -12.70 -28.24
N GLN A 322 -38.84 -13.17 -28.50
CA GLN A 322 -39.50 -12.88 -29.78
C GLN A 322 -39.75 -11.39 -29.94
N MET A 323 -40.17 -10.72 -28.86
CA MET A 323 -40.45 -9.29 -28.92
C MET A 323 -39.21 -8.51 -29.34
N TRP A 324 -38.09 -8.72 -28.64
CA TRP A 324 -36.90 -7.95 -28.97
C TRP A 324 -36.33 -8.37 -30.33
N ARG A 325 -36.43 -9.65 -30.70
CA ARG A 325 -35.94 -10.06 -32.01
C ARG A 325 -36.72 -9.38 -33.12
N LEU A 326 -38.05 -9.35 -33.02
CA LEU A 326 -38.85 -8.70 -34.05
C LEU A 326 -38.58 -7.20 -34.08
N THR A 327 -38.45 -6.57 -32.91
CA THR A 327 -38.18 -5.13 -32.88
C THR A 327 -36.83 -4.82 -33.51
N ALA A 328 -35.81 -5.61 -33.20
CA ALA A 328 -34.49 -5.39 -33.76
C ALA A 328 -34.49 -5.61 -35.27
N GLU A 329 -35.18 -6.65 -35.74
CA GLU A 329 -35.25 -6.87 -37.18
C GLU A 329 -35.95 -5.72 -37.89
N ARG A 330 -37.07 -5.25 -37.33
CA ARG A 330 -37.79 -4.14 -37.95
C ARG A 330 -36.93 -2.88 -37.98
N GLU A 331 -36.21 -2.60 -36.89
CA GLU A 331 -35.36 -1.42 -36.88
C GLU A 331 -34.20 -1.55 -37.85
N LEU A 332 -33.59 -2.74 -37.93
CA LEU A 332 -32.45 -2.93 -38.83
C LEU A 332 -32.87 -2.99 -40.29
N MET A 333 -34.16 -3.20 -40.57
CA MET A 333 -34.61 -3.12 -41.96
C MET A 333 -34.35 -1.74 -42.55
N GLY A 334 -34.43 -0.70 -41.74
CA GLY A 334 -34.18 0.66 -42.21
C GLY A 334 -32.87 1.23 -41.73
N MET A 335 -32.50 0.96 -40.48
CA MET A 335 -31.27 1.52 -39.93
C MET A 335 -30.03 0.82 -40.48
N LEU A 336 -30.08 -0.51 -40.62
CA LEU A 336 -29.03 -1.37 -41.15
C LEU A 336 -27.78 -1.39 -40.26
N SER A 337 -27.77 -0.70 -39.13
CA SER A 337 -26.61 -0.69 -38.26
C SER A 337 -27.02 -0.26 -36.87
N THR A 338 -26.16 -0.55 -35.89
CA THR A 338 -26.38 -0.17 -34.50
C THR A 338 -25.29 0.78 -34.06
N SER A 339 -25.68 1.90 -33.45
CA SER A 339 -24.72 2.90 -33.00
C SER A 339 -24.25 2.65 -31.57
N LEU A 340 -25.17 2.32 -30.66
CA LEU A 340 -24.83 2.04 -29.27
C LEU A 340 -25.10 0.58 -28.91
N ALA A 341 -25.10 -0.31 -29.89
CA ALA A 341 -25.25 -1.76 -29.70
C ALA A 341 -26.62 -2.02 -29.08
N ASP A 342 -26.75 -3.03 -28.20
CA ASP A 342 -28.06 -3.48 -27.73
C ASP A 342 -28.83 -2.36 -27.06
N GLN A 343 -28.13 -1.37 -26.49
CA GLN A 343 -28.82 -0.23 -25.88
C GLN A 343 -29.81 0.38 -26.85
N ASP A 344 -29.37 0.65 -28.08
CA ASP A 344 -30.28 1.16 -29.10
C ASP A 344 -31.49 0.25 -29.24
N ILE A 345 -31.25 -1.05 -29.37
CA ILE A 345 -32.35 -2.02 -29.47
C ILE A 345 -33.29 -1.87 -28.29
N PHE A 346 -32.74 -1.76 -27.07
CA PHE A 346 -33.57 -1.54 -25.90
C PHE A 346 -34.52 -0.37 -26.12
N ASN A 347 -33.97 0.77 -26.55
CA ASN A 347 -34.80 1.96 -26.77
C ASN A 347 -35.90 1.67 -27.76
N ALA A 348 -35.61 0.89 -28.81
CA ALA A 348 -36.63 0.56 -29.79
C ALA A 348 -37.79 -0.17 -29.14
N VAL A 349 -37.50 -1.12 -28.26
CA VAL A 349 -38.57 -1.80 -27.52
C VAL A 349 -39.33 -0.79 -26.69
N ILE A 350 -38.62 0.14 -26.05
CA ILE A 350 -39.26 1.18 -25.25
C ILE A 350 -40.21 1.99 -26.11
N LYS A 351 -39.92 2.12 -27.41
CA LYS A 351 -40.83 2.83 -28.29
C LYS A 351 -42.11 2.03 -28.51
N GLN A 352 -42.01 0.72 -28.69
CA GLN A 352 -43.19 -0.07 -28.99
C GLN A 352 -44.07 -0.27 -27.76
N ASN A 353 -43.45 -0.57 -26.62
CA ASN A 353 -44.19 -0.88 -25.38
C ASN A 353 -43.62 -0.03 -24.25
N PRO A 354 -43.97 1.25 -24.19
CA PRO A 354 -43.46 2.10 -23.10
C PRO A 354 -43.91 1.66 -21.73
N PHE A 355 -44.99 0.89 -21.62
CA PHE A 355 -45.49 0.46 -20.32
C PHE A 355 -44.61 -0.57 -19.64
N LEU A 356 -43.63 -1.14 -20.35
CA LEU A 356 -42.73 -2.13 -19.77
C LEU A 356 -41.59 -1.52 -18.98
N VAL A 357 -41.36 -0.21 -19.10
CA VAL A 357 -40.18 0.44 -18.56
C VAL A 357 -40.55 1.21 -17.31
N TYR A 358 -39.79 1.02 -16.23
CA TYR A 358 -39.93 1.77 -15.00
C TYR A 358 -38.79 2.77 -14.94
N GLN A 359 -39.14 4.05 -14.86
CA GLN A 359 -38.15 5.13 -14.89
C GLN A 359 -37.60 5.33 -13.49
N LEU A 360 -36.38 4.83 -13.27
CA LEU A 360 -35.70 4.98 -11.99
C LEU A 360 -35.25 6.43 -11.80
N PRO A 361 -34.99 6.83 -10.57
CA PRO A 361 -34.40 8.16 -10.33
C PRO A 361 -33.07 8.29 -11.04
N CYS A 362 -32.74 9.53 -11.43
CA CYS A 362 -31.56 9.77 -12.24
C CYS A 362 -30.27 9.37 -11.51
N PHE A 363 -30.20 9.64 -10.21
CA PHE A 363 -28.98 9.38 -9.46
C PHE A 363 -28.66 7.89 -9.32
N TRP A 364 -29.46 7.01 -9.90
CA TRP A 364 -29.11 5.60 -9.99
C TRP A 364 -28.21 5.29 -11.18
N ASN A 365 -28.00 6.24 -12.08
CA ASN A 365 -27.09 6.02 -13.20
C ASN A 365 -26.59 7.40 -13.65
N VAL A 366 -25.44 7.81 -13.13
CA VAL A 366 -24.86 9.12 -13.40
C VAL A 366 -23.86 8.94 -14.52
N GLN A 367 -24.26 9.30 -15.74
CA GLN A 367 -23.42 9.11 -16.92
C GLN A 367 -22.50 10.32 -17.07
N LEU A 368 -21.21 10.11 -16.84
CA LEU A 368 -20.21 11.16 -17.02
C LEU A 368 -19.63 11.14 -18.42
N SER A 369 -20.49 11.17 -19.44
CA SER A 369 -20.04 11.10 -20.81
C SER A 369 -19.68 12.50 -21.32
N ASP A 370 -19.22 12.57 -22.56
CA ASP A 370 -18.86 13.85 -23.16
C ASP A 370 -20.11 14.70 -23.39
N HIS A 371 -19.98 16.00 -23.10
CA HIS A 371 -21.10 16.94 -23.25
C HIS A 371 -22.32 16.48 -22.47
N THR A 372 -22.09 15.98 -21.26
CA THR A 372 -23.19 15.45 -20.46
C THR A 372 -24.16 16.56 -20.04
N ARG A 373 -23.64 17.68 -19.53
CA ARG A 373 -24.44 18.82 -19.13
C ARG A 373 -25.57 18.44 -18.18
N SER A 374 -25.29 17.51 -17.27
CA SER A 374 -26.29 17.02 -16.32
C SER A 374 -26.03 17.50 -14.90
N GLU A 375 -25.59 18.75 -14.74
CA GLU A 375 -25.24 19.25 -13.41
C GLU A 375 -26.41 19.19 -12.44
N GLN A 376 -27.64 19.38 -12.95
CA GLN A 376 -28.82 19.32 -12.10
C GLN A 376 -29.02 17.92 -11.54
N CYS A 377 -28.68 16.90 -12.32
CA CYS A 377 -28.88 15.53 -11.89
C CYS A 377 -28.06 15.19 -10.66
N TYR A 378 -26.79 15.62 -10.64
CA TYR A 378 -25.92 15.36 -9.50
C TYR A 378 -25.58 16.64 -8.74
N ARG A 379 -26.51 17.60 -8.71
CA ARG A 379 -26.30 18.81 -7.93
C ARG A 379 -26.04 18.50 -6.46
N ASP A 380 -26.65 17.43 -5.93
CA ASP A 380 -26.39 16.97 -4.57
C ASP A 380 -25.38 15.85 -4.62
N VAL A 381 -24.10 16.22 -4.73
CA VAL A 381 -23.03 15.24 -4.83
C VAL A 381 -22.94 14.38 -3.57
N SER A 382 -23.42 14.91 -2.44
CA SER A 382 -23.34 14.17 -1.18
C SER A 382 -24.19 12.90 -1.25
N ASP A 383 -25.33 12.96 -1.94
CA ASP A 383 -26.28 11.86 -2.01
C ASP A 383 -26.30 11.19 -3.38
N LEU A 384 -25.13 11.06 -3.99
CA LEU A 384 -25.01 10.33 -5.25
C LEU A 384 -24.78 8.85 -4.98
N LYS A 385 -25.32 8.00 -5.85
CA LYS A 385 -25.38 6.57 -5.59
C LYS A 385 -24.56 5.74 -6.57
N VAL A 386 -24.84 5.82 -7.88
CA VAL A 386 -24.21 4.98 -8.87
C VAL A 386 -23.64 5.85 -9.97
N ILE A 387 -22.38 5.61 -10.34
CA ILE A 387 -21.65 6.41 -11.31
C ILE A 387 -21.30 5.53 -12.49
N HIS A 388 -21.52 6.04 -13.70
CA HIS A 388 -21.17 5.33 -14.93
C HIS A 388 -20.05 6.08 -15.63
N TRP A 389 -18.93 5.41 -15.82
CA TRP A 389 -17.75 6.02 -16.46
C TRP A 389 -17.72 5.71 -17.95
N ASN A 390 -18.75 6.19 -18.66
CA ASN A 390 -18.87 5.97 -20.08
C ASN A 390 -18.13 7.01 -20.91
N SER A 391 -17.19 7.74 -20.30
CA SER A 391 -16.43 8.76 -21.02
C SER A 391 -15.28 8.09 -21.77
N PRO A 392 -15.21 8.24 -23.10
CA PRO A 392 -14.13 7.66 -23.91
C PRO A 392 -12.75 8.21 -23.53
N GLU A 403 -13.92 16.71 -9.21
CA GLU A 403 -12.85 16.26 -8.32
C GLU A 403 -13.34 15.19 -7.37
N PHE A 404 -14.58 15.34 -6.89
CA PHE A 404 -15.16 14.33 -6.02
C PHE A 404 -15.30 12.99 -6.73
N PHE A 405 -15.70 13.02 -8.02
CA PHE A 405 -15.79 11.79 -8.78
C PHE A 405 -14.43 11.12 -8.94
N ARG A 406 -13.39 11.92 -9.20
CA ARG A 406 -12.05 11.37 -9.32
C ARG A 406 -11.60 10.74 -8.02
N ASN A 407 -11.84 11.41 -6.90
CA ASN A 407 -11.45 10.85 -5.60
C ASN A 407 -12.24 9.58 -5.29
N LEU A 408 -13.53 9.57 -5.62
CA LEU A 408 -14.34 8.38 -5.39
C LEU A 408 -13.85 7.20 -6.22
N TYR A 409 -13.49 7.47 -7.49
CA TYR A 409 -12.97 6.41 -8.35
C TYR A 409 -11.65 5.88 -7.82
N LEU A 410 -10.75 6.77 -7.41
CA LEU A 410 -9.48 6.33 -6.85
C LEU A 410 -9.65 5.64 -5.50
N THR A 411 -10.76 5.88 -4.81
CA THR A 411 -10.99 5.21 -3.54
C THR A 411 -11.11 3.70 -3.72
N PHE A 412 -11.87 3.27 -4.73
CA PHE A 412 -12.04 1.85 -4.98
C PHE A 412 -10.98 1.28 -5.91
N LEU A 413 -10.42 2.09 -6.80
CA LEU A 413 -9.38 1.61 -7.70
C LEU A 413 -8.12 1.22 -6.94
N GLU A 414 -7.93 1.78 -5.75
CA GLU A 414 -6.76 1.49 -4.92
C GLU A 414 -7.14 0.90 -3.57
N TYR A 415 -8.39 0.48 -3.39
CA TYR A 415 -8.81 -0.11 -2.13
C TYR A 415 -8.29 -1.54 -2.00
N ASP A 416 -7.91 -1.91 -0.79
CA ASP A 416 -7.40 -3.25 -0.54
C ASP A 416 -8.54 -4.26 -0.54
N GLY A 417 -8.48 -5.22 -1.45
CA GLY A 417 -9.56 -6.19 -1.56
C GLY A 417 -9.59 -7.19 -0.42
N ASN A 418 -8.43 -7.42 0.21
CA ASN A 418 -8.37 -8.37 1.33
C ASN A 418 -9.15 -7.87 2.54
N LEU A 419 -9.49 -6.58 2.59
CA LEU A 419 -10.37 -6.08 3.63
C LEU A 419 -11.80 -6.56 3.47
N LEU A 420 -12.15 -7.12 2.30
CA LEU A 420 -13.48 -7.63 2.06
C LEU A 420 -13.68 -9.06 2.57
N ARG A 421 -12.64 -9.67 3.14
CA ARG A 421 -12.74 -11.02 3.66
C ARG A 421 -13.33 -11.02 5.07
N ARG A 422 -14.48 -10.39 5.23
CA ARG A 422 -15.20 -10.37 6.50
C ARG A 422 -16.65 -10.77 6.24
N GLU A 423 -17.16 -11.70 7.05
CA GLU A 423 -18.49 -12.23 6.82
C GLU A 423 -19.56 -11.20 7.14
N LEU A 424 -20.72 -11.36 6.52
CA LEU A 424 -21.85 -10.49 6.77
C LEU A 424 -22.49 -10.84 8.12
N PHE A 425 -22.69 -9.82 8.95
CA PHE A 425 -23.29 -10.03 10.26
C PHE A 425 -24.75 -10.43 10.13
N GLY A 426 -25.16 -11.43 10.90
CA GLY A 426 -26.54 -11.88 10.93
C GLY A 426 -26.94 -12.80 9.79
N CYS A 427 -26.03 -13.12 8.87
CA CYS A 427 -26.34 -13.97 7.74
C CYS A 427 -25.33 -15.11 7.68
N PRO A 428 -25.77 -16.36 7.58
CA PRO A 428 -24.83 -17.48 7.52
C PRO A 428 -24.04 -17.48 6.21
N SER A 429 -22.75 -17.78 6.30
CA SER A 429 -21.90 -17.86 5.12
C SER A 429 -21.80 -19.30 4.64
N GLU A 430 -21.96 -19.49 3.33
CA GLU A 430 -21.85 -20.82 2.75
C GLU A 430 -20.43 -21.35 2.88
N ALA A 431 -20.33 -22.66 3.06
CA ALA A 431 -19.04 -23.31 3.28
C ALA A 431 -18.37 -23.56 1.94
N ASP A 432 -17.22 -22.92 1.71
CA ASP A 432 -16.43 -23.11 0.51
C ASP A 432 -15.26 -24.04 0.81
N VAL A 433 -14.90 -24.86 -0.18
CA VAL A 433 -13.87 -25.87 0.02
C VAL A 433 -12.52 -25.21 0.33
N ASN A 434 -12.16 -24.19 -0.45
CA ASN A 434 -10.88 -23.53 -0.23
C ASN A 434 -10.83 -22.81 1.11
N SER A 435 -11.91 -22.12 1.46
CA SER A 435 -11.96 -21.43 2.75
C SER A 435 -11.90 -22.42 3.91
N GLU A 436 -12.62 -23.54 3.78
CA GLU A 436 -12.58 -24.55 4.83
C GLU A 436 -11.18 -25.14 4.98
N ASN A 437 -10.52 -25.43 3.86
CA ASN A 437 -9.16 -25.97 3.93
C ASN A 437 -8.21 -24.97 4.57
N LEU A 438 -8.32 -23.69 4.20
CA LEU A 438 -7.45 -22.68 4.80
C LEU A 438 -7.69 -22.55 6.29
N GLN A 439 -8.96 -22.54 6.71
CA GLN A 439 -9.28 -22.43 8.12
C GLN A 439 -8.76 -23.64 8.89
N LYS A 440 -8.93 -24.85 8.34
CA LYS A 440 -8.44 -26.05 9.01
C LYS A 440 -6.93 -26.03 9.14
N GLN A 441 -6.23 -25.68 8.06
CA GLN A 441 -4.77 -25.65 8.10
C GLN A 441 -4.25 -24.60 9.08
N LEU A 442 -4.87 -23.43 9.11
CA LEU A 442 -4.45 -22.40 10.05
C LEU A 442 -4.76 -22.79 11.49
N SER A 443 -5.86 -23.53 11.71
CA SER A 443 -6.17 -23.99 13.06
C SER A 443 -5.18 -25.06 13.50
N GLU A 444 -4.70 -25.90 12.58
CA GLU A 444 -3.71 -26.90 12.93
C GLU A 444 -2.40 -26.28 13.38
N LEU A 445 -2.07 -25.09 12.86
CA LEU A 445 -0.81 -24.45 13.20
C LEU A 445 -0.82 -23.96 14.64
N ASP A 446 0.31 -24.16 15.34
CA ASP A 446 0.43 -23.71 16.72
C ASP A 446 0.90 -22.27 16.75
N GLU A 447 0.13 -21.41 17.42
CA GLU A 447 0.51 -20.01 17.56
C GLU A 447 1.62 -19.79 18.56
N ASP A 448 1.85 -20.75 19.47
CA ASP A 448 2.94 -20.61 20.43
C ASP A 448 4.30 -20.84 19.80
N ASP A 449 4.36 -21.51 18.65
CA ASP A 449 5.62 -21.73 17.97
C ASP A 449 6.19 -20.41 17.46
N LEU A 450 7.50 -20.23 17.61
CA LEU A 450 8.14 -19.00 17.19
C LEU A 450 8.10 -18.80 15.68
N CYS A 451 7.96 -19.88 14.91
CA CYS A 451 7.88 -19.81 13.45
C CYS A 451 6.44 -19.84 12.95
N TYR A 452 5.51 -19.28 13.74
CA TYR A 452 4.10 -19.30 13.35
C TYR A 452 3.88 -18.51 12.07
N GLU A 453 4.57 -17.36 11.92
CA GLU A 453 4.33 -16.50 10.77
C GLU A 453 4.68 -17.21 9.46
N PHE A 454 5.81 -17.92 9.43
CA PHE A 454 6.22 -18.61 8.20
C PHE A 454 5.26 -19.72 7.83
N ARG A 455 4.85 -20.54 8.80
CA ARG A 455 3.91 -21.60 8.51
C ARG A 455 2.56 -21.04 8.07
N ARG A 456 2.13 -19.93 8.68
CA ARG A 456 0.91 -19.28 8.25
C ARG A 456 1.02 -18.78 6.81
N GLU A 457 2.16 -18.18 6.46
CA GLU A 457 2.36 -17.68 5.11
C GLU A 457 2.45 -18.82 4.09
N ARG A 458 2.86 -20.01 4.54
CA ARG A 458 2.97 -21.14 3.63
C ARG A 458 1.62 -21.50 3.01
N PHE A 459 0.58 -21.59 3.83
CA PHE A 459 -0.74 -21.99 3.36
C PHE A 459 -1.61 -20.80 3.01
N THR A 460 -1.12 -19.57 3.19
CA THR A 460 -1.91 -18.38 2.88
C THR A 460 -2.27 -18.35 1.41
N VAL A 461 -3.54 -18.09 1.12
CA VAL A 461 -4.03 -17.99 -0.25
C VAL A 461 -4.05 -16.52 -0.63
N HIS A 462 -3.33 -16.17 -1.69
CA HIS A 462 -3.19 -14.79 -2.14
C HIS A 462 -4.08 -14.55 -3.35
N ARG A 463 -4.81 -13.44 -3.32
CA ARG A 463 -5.66 -13.08 -4.44
C ARG A 463 -4.82 -12.87 -5.70
N THR A 464 -5.07 -13.69 -6.70
CA THR A 464 -4.27 -13.71 -7.93
C THR A 464 -5.10 -13.22 -9.10
N HIS A 465 -4.55 -12.29 -9.87
CA HIS A 465 -5.20 -11.73 -11.04
C HIS A 465 -4.36 -12.08 -12.26
N LEU A 466 -4.72 -13.18 -12.92
CA LEU A 466 -3.96 -13.64 -14.09
C LEU A 466 -4.15 -12.68 -15.25
N TYR A 467 -3.06 -12.45 -15.99
CA TYR A 467 -3.07 -11.62 -17.19
C TYR A 467 -3.64 -10.23 -16.89
N PHE A 468 -2.93 -9.50 -16.04
CA PHE A 468 -3.39 -8.18 -15.61
C PHE A 468 -3.45 -7.19 -16.77
N LEU A 469 -2.69 -7.43 -17.83
CA LEU A 469 -2.70 -6.57 -19.01
C LEU A 469 -3.05 -7.40 -20.24
N HIS A 470 -3.29 -6.71 -21.35
CA HIS A 470 -3.67 -7.40 -22.59
C HIS A 470 -2.56 -8.33 -23.03
N TYR A 471 -2.95 -9.54 -23.45
CA TYR A 471 -2.01 -10.60 -23.78
C TYR A 471 -2.40 -11.23 -25.12
N GLU A 472 -1.40 -11.44 -25.97
CA GLU A 472 -1.58 -12.16 -27.22
C GLU A 472 -0.42 -13.12 -27.42
N TYR A 473 -0.70 -14.23 -28.10
CA TYR A 473 0.33 -15.24 -28.34
C TYR A 473 -0.09 -16.10 -29.51
N GLU A 474 0.90 -16.57 -30.26
CA GLU A 474 0.69 -17.51 -31.35
C GLU A 474 1.54 -18.75 -31.12
N PRO A 475 0.97 -19.95 -31.25
CA PRO A 475 1.75 -21.17 -31.00
C PRO A 475 2.90 -21.31 -31.98
N ALA A 476 4.00 -21.89 -31.49
CA ALA A 476 5.15 -22.14 -32.35
C ALA A 476 4.87 -23.30 -33.29
N ALA A 477 5.30 -23.14 -34.55
CA ALA A 477 5.11 -24.19 -35.53
C ALA A 477 5.90 -25.44 -35.18
N ASP A 478 7.13 -25.26 -34.68
CA ASP A 478 7.99 -26.39 -34.35
C ASP A 478 7.73 -26.95 -32.95
N SER A 479 6.85 -26.32 -32.17
CA SER A 479 6.50 -26.79 -30.83
C SER A 479 7.74 -26.90 -29.94
N THR A 480 8.64 -25.92 -30.05
CA THR A 480 9.84 -25.87 -29.23
C THR A 480 10.02 -24.50 -28.58
N ASP A 481 8.94 -23.73 -28.44
CA ASP A 481 9.04 -22.38 -27.92
C ASP A 481 9.37 -22.39 -26.43
N VAL A 482 10.08 -21.35 -25.99
CA VAL A 482 10.51 -21.21 -24.61
C VAL A 482 10.02 -19.87 -24.08
N THR A 483 9.48 -19.87 -22.87
CA THR A 483 8.98 -18.68 -22.21
C THR A 483 9.89 -18.32 -21.04
N LEU A 484 10.36 -17.07 -21.02
CA LEU A 484 11.13 -16.58 -19.89
C LEU A 484 10.20 -16.43 -18.68
N VAL A 485 10.50 -17.16 -17.62
CA VAL A 485 9.68 -17.18 -16.41
C VAL A 485 10.44 -16.48 -15.31
N ALA A 486 9.85 -15.44 -14.73
CA ALA A 486 10.48 -14.69 -13.66
C ALA A 486 9.40 -14.08 -12.78
N GLN A 487 9.81 -13.71 -11.57
CA GLN A 487 8.92 -13.02 -10.65
C GLN A 487 9.66 -11.84 -10.04
N LEU A 488 8.91 -10.80 -9.72
CA LEU A 488 9.51 -9.57 -9.21
C LEU A 488 8.53 -8.86 -8.30
N SER A 489 9.08 -7.96 -7.48
CA SER A 489 8.29 -7.02 -6.71
C SER A 489 8.35 -5.66 -7.40
N MET A 490 7.78 -4.64 -6.75
CA MET A 490 7.72 -3.32 -7.36
C MET A 490 9.12 -2.75 -7.59
N ASP A 491 9.99 -2.86 -6.59
CA ASP A 491 11.31 -2.25 -6.64
C ASP A 491 12.21 -2.85 -7.70
N ARG A 492 11.72 -3.77 -8.53
CA ARG A 492 12.49 -4.32 -9.63
C ARG A 492 11.95 -3.91 -10.99
N LEU A 493 10.97 -3.00 -11.04
CA LEU A 493 10.33 -2.66 -12.30
C LEU A 493 11.31 -2.18 -13.34
N GLN A 494 12.38 -1.50 -12.91
CA GLN A 494 13.36 -0.96 -13.85
C GLN A 494 14.00 -2.04 -14.70
N MET A 495 13.98 -3.29 -14.24
CA MET A 495 14.56 -4.36 -15.03
C MET A 495 13.70 -4.73 -16.24
N LEU A 496 12.38 -4.57 -16.11
CA LEU A 496 11.46 -5.16 -17.08
C LEU A 496 11.79 -4.72 -18.51
N GLU A 497 11.89 -3.41 -18.74
CA GLU A 497 12.19 -2.92 -20.07
C GLU A 497 13.49 -3.49 -20.58
N ALA A 498 14.53 -3.50 -19.73
CA ALA A 498 15.80 -4.09 -20.13
C ALA A 498 15.61 -5.52 -20.56
N ILE A 499 14.85 -6.30 -19.79
CA ILE A 499 14.59 -7.69 -20.17
C ILE A 499 13.87 -7.73 -21.50
N CYS A 500 12.89 -6.85 -21.71
CA CYS A 500 12.18 -6.82 -22.97
C CYS A 500 13.09 -6.43 -24.12
N LYS A 501 14.21 -5.78 -23.84
CA LYS A 501 15.16 -5.45 -24.90
C LYS A 501 16.10 -6.61 -25.22
N HIS A 502 16.16 -7.62 -24.35
CA HIS A 502 17.03 -8.77 -24.57
C HIS A 502 16.28 -10.00 -25.04
N TRP A 503 15.09 -10.24 -24.52
CA TRP A 503 14.31 -11.44 -24.82
C TRP A 503 13.13 -11.06 -25.71
N GLU A 504 13.14 -11.55 -26.94
CA GLU A 504 12.07 -11.28 -27.89
C GLU A 504 10.95 -12.29 -27.83
N GLY A 505 11.09 -13.35 -27.03
CA GLY A 505 10.09 -14.38 -26.93
C GLY A 505 9.08 -14.11 -25.84
N PRO A 506 8.13 -15.04 -25.67
CA PRO A 506 7.11 -14.86 -24.64
C PRO A 506 7.72 -14.82 -23.23
N ILE A 507 7.14 -13.98 -22.38
CA ILE A 507 7.60 -13.81 -21.01
C ILE A 507 6.41 -13.97 -20.08
N SER A 508 6.62 -14.67 -18.97
CA SER A 508 5.59 -14.86 -17.95
C SER A 508 6.13 -14.33 -16.63
N LEU A 509 5.51 -13.28 -16.12
CA LEU A 509 5.97 -12.60 -14.91
C LEU A 509 4.90 -12.64 -13.84
N ALA A 510 5.34 -12.70 -12.59
CA ALA A 510 4.45 -12.67 -11.43
C ALA A 510 4.86 -11.49 -10.55
N LEU A 511 4.00 -10.49 -10.45
CA LEU A 511 4.29 -9.28 -9.71
C LEU A 511 3.55 -9.29 -8.37
N TYR A 512 4.30 -9.08 -7.29
CA TYR A 512 3.74 -9.06 -5.94
C TYR A 512 3.49 -7.61 -5.55
N LEU A 513 2.35 -7.08 -5.99
CA LEU A 513 2.02 -5.67 -5.83
C LEU A 513 0.74 -5.52 -5.03
N SER A 514 0.64 -4.40 -4.31
CA SER A 514 -0.62 -4.03 -3.68
C SER A 514 -1.50 -3.32 -4.69
N ASP A 515 -2.73 -2.99 -4.29
CA ASP A 515 -3.67 -2.37 -5.22
C ASP A 515 -3.16 -1.02 -5.70
N ALA A 516 -2.64 -0.20 -4.80
CA ALA A 516 -2.03 1.06 -5.20
C ALA A 516 -0.82 0.81 -6.08
N GLU A 517 0.03 -0.14 -5.69
CA GLU A 517 1.17 -0.51 -6.53
C GLU A 517 0.72 -1.13 -7.84
N ALA A 518 -0.40 -1.86 -7.84
CA ALA A 518 -0.92 -2.40 -9.10
C ALA A 518 -1.32 -1.28 -10.04
N GLN A 519 -1.98 -0.24 -9.53
CA GLN A 519 -2.34 0.88 -10.38
C GLN A 519 -1.12 1.65 -10.85
N GLN A 520 -0.12 1.81 -9.97
CA GLN A 520 1.13 2.44 -10.38
C GLN A 520 1.80 1.67 -11.51
N PHE A 521 1.84 0.34 -11.39
CA PHE A 521 2.42 -0.49 -12.44
C PHE A 521 1.61 -0.38 -13.73
N LEU A 522 0.28 -0.33 -13.62
CA LEU A 522 -0.55 -0.17 -14.80
C LEU A 522 -0.26 1.15 -15.52
N ARG A 523 -0.12 2.23 -14.75
CA ARG A 523 0.23 3.51 -15.35
C ARG A 523 1.62 3.47 -15.98
N TYR A 524 2.57 2.84 -15.30
CA TYR A 524 3.92 2.74 -15.86
C TYR A 524 3.93 1.94 -17.16
N ALA A 525 3.19 0.83 -17.21
CA ALA A 525 3.19 -0.02 -18.39
C ALA A 525 2.46 0.65 -19.54
N GLN A 526 1.36 1.34 -19.26
CA GLN A 526 0.65 2.03 -20.33
C GLN A 526 1.43 3.25 -20.82
N GLY A 527 2.28 3.82 -19.98
CA GLY A 527 3.10 4.96 -20.33
C GLY A 527 4.46 4.62 -20.88
N SER A 528 4.76 3.34 -21.11
CA SER A 528 6.05 2.90 -21.62
C SER A 528 5.88 2.34 -23.02
N GLU A 529 6.66 2.84 -23.97
CA GLU A 529 6.57 2.35 -25.35
C GLU A 529 7.04 0.91 -25.45
N VAL A 530 8.08 0.55 -24.71
CA VAL A 530 8.64 -0.81 -24.80
C VAL A 530 7.61 -1.83 -24.36
N LEU A 531 6.96 -1.59 -23.22
CA LEU A 531 6.00 -2.56 -22.70
C LEU A 531 4.74 -2.60 -23.56
N MET A 532 4.31 -1.46 -24.11
CA MET A 532 3.12 -1.44 -24.94
C MET A 532 3.37 -2.04 -26.32
N SER A 533 4.62 -2.08 -26.76
CA SER A 533 4.94 -2.69 -28.05
C SER A 533 5.01 -4.20 -28.00
N ARG A 534 5.06 -4.80 -26.81
CA ARG A 534 5.14 -6.23 -26.63
C ARG A 534 3.85 -6.74 -26.02
N HIS A 535 3.21 -7.72 -26.68
CA HIS A 535 1.98 -8.31 -26.19
C HIS A 535 2.16 -9.69 -25.58
N ASN A 536 3.28 -10.36 -25.87
CA ASN A 536 3.50 -11.72 -25.39
C ASN A 536 4.14 -11.77 -24.01
N VAL A 537 3.95 -10.73 -23.21
CA VAL A 537 4.44 -10.70 -21.83
C VAL A 537 3.25 -10.87 -20.90
N GLY A 538 3.25 -11.96 -20.13
CA GLY A 538 2.17 -12.24 -19.22
C GLY A 538 2.38 -11.65 -17.84
N TYR A 539 1.55 -10.69 -17.46
CA TYR A 539 1.64 -10.04 -16.16
C TYR A 539 0.59 -10.65 -15.24
N HIS A 540 1.05 -11.41 -14.24
CA HIS A 540 0.16 -12.04 -13.27
C HIS A 540 0.42 -11.37 -11.92
N ILE A 541 -0.57 -10.59 -11.45
CA ILE A 541 -0.41 -9.83 -10.22
C ILE A 541 -0.94 -10.65 -9.06
N VAL A 542 -0.07 -10.88 -8.07
CA VAL A 542 -0.44 -11.56 -6.84
C VAL A 542 -0.44 -10.50 -5.74
N TYR A 543 -1.62 -10.18 -5.22
CA TYR A 543 -1.75 -9.05 -4.31
C TYR A 543 -1.11 -9.33 -2.96
N LYS A 544 -0.57 -8.29 -2.36
CA LYS A 544 0.22 -8.43 -1.15
C LYS A 544 -0.62 -8.91 0.03
N GLU A 545 -0.06 -9.82 0.81
CA GLU A 545 -0.68 -10.31 2.03
C GLU A 545 0.41 -10.93 2.90
N GLY A 546 0.30 -10.73 4.20
CA GLY A 546 1.31 -11.23 5.10
C GLY A 546 2.52 -10.32 5.21
N GLN A 547 3.57 -10.85 5.83
CA GLN A 547 4.77 -10.08 6.10
C GLN A 547 5.95 -10.46 5.23
N PHE A 548 5.95 -11.64 4.64
CA PHE A 548 7.11 -12.15 3.90
C PHE A 548 6.83 -12.18 2.41
N TYR A 549 7.90 -12.40 1.64
CA TYR A 549 7.83 -12.41 0.20
C TYR A 549 7.60 -13.83 -0.30
N PRO A 550 6.45 -14.13 -0.90
CA PRO A 550 6.18 -15.49 -1.40
C PRO A 550 6.85 -15.76 -2.74
N VAL A 551 8.17 -15.96 -2.68
CA VAL A 551 8.95 -16.15 -3.90
C VAL A 551 8.55 -17.43 -4.62
N ASN A 552 8.39 -18.52 -3.88
CA ASN A 552 8.03 -19.80 -4.49
C ASN A 552 6.60 -19.77 -5.01
N LEU A 553 5.68 -19.12 -4.29
CA LEU A 553 4.32 -18.99 -4.78
C LEU A 553 4.28 -18.20 -6.09
N LEU A 554 5.03 -17.11 -6.15
CA LEU A 554 5.10 -16.31 -7.38
C LEU A 554 5.70 -17.11 -8.53
N ARG A 555 6.74 -17.90 -8.24
CA ARG A 555 7.33 -18.73 -9.27
C ARG A 555 6.33 -19.77 -9.78
N ASN A 556 5.58 -20.38 -8.88
CA ASN A 556 4.58 -21.35 -9.29
C ASN A 556 3.49 -20.69 -10.13
N VAL A 557 3.06 -19.50 -9.74
CA VAL A 557 2.05 -18.78 -10.52
C VAL A 557 2.58 -18.48 -11.92
N ALA A 558 3.82 -18.02 -12.01
CA ALA A 558 4.40 -17.71 -13.31
C ALA A 558 4.55 -18.96 -14.17
N MET A 559 4.99 -20.06 -13.57
CA MET A 559 5.22 -21.30 -14.34
C MET A 559 3.90 -21.89 -14.83
N LYS A 560 2.89 -21.93 -13.96
CA LYS A 560 1.66 -22.65 -14.27
C LYS A 560 0.91 -22.05 -15.45
N HIS A 561 1.13 -20.77 -15.76
CA HIS A 561 0.34 -20.06 -16.74
C HIS A 561 1.19 -19.61 -17.92
N ILE A 562 2.04 -20.49 -18.42
CA ILE A 562 2.83 -20.23 -19.61
C ILE A 562 2.09 -20.82 -20.81
N SER A 563 2.47 -20.37 -22.01
CA SER A 563 1.84 -20.80 -23.24
C SER A 563 2.77 -21.62 -24.14
N THR A 564 3.91 -22.07 -23.61
CA THR A 564 4.91 -22.76 -24.40
C THR A 564 5.30 -24.07 -23.74
N PRO A 565 5.72 -25.06 -24.54
CA PRO A 565 6.11 -26.35 -23.95
C PRO A 565 7.29 -26.27 -23.00
N TYR A 566 8.21 -25.33 -23.21
CA TYR A 566 9.41 -25.24 -22.39
C TYR A 566 9.47 -23.87 -21.72
N MET A 567 10.06 -23.84 -20.53
CA MET A 567 10.16 -22.61 -19.76
C MET A 567 11.56 -22.47 -19.17
N PHE A 568 12.06 -21.23 -19.16
CA PHE A 568 13.35 -20.89 -18.58
C PHE A 568 13.09 -20.23 -17.23
N LEU A 569 13.50 -20.89 -16.15
CA LEU A 569 13.24 -20.40 -14.80
C LEU A 569 14.32 -19.37 -14.43
N SER A 570 14.24 -18.21 -15.07
CA SER A 570 15.20 -17.15 -14.90
C SER A 570 14.86 -16.32 -13.66
N ASP A 571 15.53 -15.17 -13.55
CA ASP A 571 15.27 -14.24 -12.42
C ASP A 571 15.18 -12.82 -12.98
N ILE A 572 14.45 -11.92 -12.32
CA ILE A 572 14.23 -10.57 -12.82
C ILE A 572 15.51 -9.75 -12.76
N ASP A 573 16.48 -10.14 -11.94
CA ASP A 573 17.73 -9.42 -11.80
C ASP A 573 18.77 -9.82 -12.83
N PHE A 574 18.45 -10.78 -13.70
CA PHE A 574 19.40 -11.32 -14.66
C PHE A 574 19.03 -10.87 -16.06
N LEU A 575 19.96 -10.22 -16.74
CA LEU A 575 19.82 -9.89 -18.14
C LEU A 575 20.42 -10.99 -18.99
N PRO A 576 19.67 -11.56 -19.92
CA PRO A 576 20.22 -12.59 -20.81
C PRO A 576 20.98 -11.97 -21.97
N MET A 577 21.66 -12.83 -22.72
CA MET A 577 22.37 -12.39 -23.90
C MET A 577 21.40 -12.16 -25.05
N TYR A 578 21.87 -11.40 -26.05
CA TYR A 578 21.07 -11.18 -27.24
C TYR A 578 20.95 -12.46 -28.04
N GLY A 579 19.74 -12.73 -28.53
CA GLY A 579 19.50 -13.93 -29.31
C GLY A 579 19.45 -15.22 -28.52
N LEU A 580 19.34 -15.14 -27.18
CA LEU A 580 19.25 -16.34 -26.38
C LEU A 580 17.96 -17.11 -26.65
N TYR A 581 16.92 -16.41 -27.11
CA TYR A 581 15.65 -17.08 -27.41
C TYR A 581 15.83 -18.11 -28.52
N GLU A 582 16.41 -17.70 -29.64
CA GLU A 582 16.65 -18.62 -30.74
C GLU A 582 17.68 -19.68 -30.37
N TYR A 583 18.68 -19.32 -29.56
CA TYR A 583 19.67 -20.29 -29.13
C TYR A 583 19.04 -21.40 -28.31
N LEU A 584 18.13 -21.05 -27.39
CA LEU A 584 17.45 -22.07 -26.60
C LEU A 584 16.47 -22.87 -27.45
N ARG A 585 15.81 -22.21 -28.42
CA ARG A 585 14.93 -22.94 -29.33
C ARG A 585 15.70 -23.96 -30.15
N LYS A 586 16.95 -23.67 -30.51
CA LYS A 586 17.77 -24.66 -31.19
C LYS A 586 18.29 -25.72 -30.22
N SER A 587 18.61 -25.31 -28.99
CA SER A 587 19.20 -26.24 -28.03
C SER A 587 18.21 -27.29 -27.56
N VAL A 588 16.93 -26.94 -27.45
CA VAL A 588 15.95 -27.94 -27.03
C VAL A 588 15.82 -29.03 -28.10
N ILE A 589 15.93 -28.66 -29.37
CA ILE A 589 15.92 -29.65 -30.44
C ILE A 589 17.21 -30.46 -30.42
N GLN A 590 18.35 -29.79 -30.22
CA GLN A 590 19.63 -30.48 -30.28
C GLN A 590 19.77 -31.50 -29.16
N LEU A 591 19.35 -31.15 -27.95
CA LEU A 591 19.49 -32.05 -26.80
C LEU A 591 18.28 -32.95 -26.60
N ASP A 592 17.20 -32.74 -27.36
CA ASP A 592 15.99 -33.56 -27.29
C ASP A 592 15.45 -33.63 -25.86
N LEU A 593 15.06 -32.45 -25.35
CA LEU A 593 14.49 -32.37 -24.02
C LEU A 593 13.07 -32.90 -23.94
N ALA A 594 12.41 -33.10 -25.08
CA ALA A 594 11.03 -33.57 -25.07
C ALA A 594 10.93 -34.99 -24.52
N ASN A 595 11.87 -35.86 -24.89
CA ASN A 595 11.81 -37.27 -24.53
C ASN A 595 12.76 -37.63 -23.38
N THR A 596 13.44 -36.65 -22.80
CA THR A 596 14.40 -36.91 -21.73
C THR A 596 14.20 -35.91 -20.61
N LYS A 597 14.59 -36.31 -19.40
CA LYS A 597 14.54 -35.43 -18.24
C LYS A 597 15.88 -34.72 -18.11
N LYS A 598 16.02 -33.64 -18.87
CA LYS A 598 17.25 -32.84 -18.87
C LYS A 598 16.92 -31.38 -18.64
N ALA A 599 17.71 -30.72 -17.82
CA ALA A 599 17.58 -29.30 -17.54
C ALA A 599 18.80 -28.59 -18.12
N MET A 600 18.56 -27.60 -18.99
CA MET A 600 19.66 -26.89 -19.65
C MET A 600 20.07 -25.71 -18.78
N ILE A 601 21.29 -25.74 -18.26
CA ILE A 601 21.77 -24.72 -17.34
C ILE A 601 22.35 -23.55 -18.12
N VAL A 602 21.95 -22.33 -17.75
CA VAL A 602 22.50 -21.11 -18.33
C VAL A 602 23.48 -20.52 -17.31
N PRO A 603 24.76 -20.36 -17.64
CA PRO A 603 25.72 -19.83 -16.68
C PRO A 603 25.34 -18.42 -16.22
N ALA A 604 25.58 -18.16 -14.94
CA ALA A 604 25.19 -16.91 -14.30
C ALA A 604 26.43 -16.11 -13.91
N PHE A 605 26.43 -14.83 -14.28
CA PHE A 605 27.50 -13.91 -13.93
C PHE A 605 26.90 -12.69 -13.23
N GLU A 606 27.74 -11.96 -12.53
CA GLU A 606 27.30 -10.78 -11.79
C GLU A 606 28.27 -9.64 -12.03
N THR A 607 27.75 -8.42 -11.88
CA THR A 607 28.53 -7.21 -12.01
C THR A 607 28.14 -6.25 -10.90
N LEU A 608 29.03 -5.30 -10.62
CA LEU A 608 28.79 -4.29 -9.61
C LEU A 608 28.62 -2.89 -10.18
N ARG A 609 28.77 -2.72 -11.49
CA ARG A 609 28.67 -1.42 -12.12
C ARG A 609 27.33 -1.33 -12.85
N TYR A 610 26.54 -0.30 -12.53
CA TYR A 610 25.25 -0.12 -13.18
C TYR A 610 25.42 0.15 -14.67
N ARG A 611 26.37 1.02 -15.02
CA ARG A 611 26.67 1.29 -16.42
C ARG A 611 27.52 0.15 -16.96
N LEU A 612 26.94 -0.66 -17.84
CA LEU A 612 27.61 -1.84 -18.38
C LEU A 612 27.44 -1.89 -19.89
N SER A 613 28.54 -2.11 -20.59
CA SER A 613 28.50 -2.36 -22.03
C SER A 613 28.28 -3.86 -22.23
N PHE A 614 27.05 -4.24 -22.55
CA PHE A 614 26.70 -5.65 -22.61
C PHE A 614 27.41 -6.31 -23.79
N PRO A 615 28.15 -7.39 -23.55
CA PRO A 615 28.87 -8.04 -24.64
C PRO A 615 27.92 -8.63 -25.68
N LYS A 616 28.38 -8.64 -26.94
CA LYS A 616 27.62 -9.22 -28.04
C LYS A 616 28.14 -10.59 -28.45
N SER A 617 29.09 -11.14 -27.70
CA SER A 617 29.65 -12.45 -28.02
C SER A 617 30.28 -13.02 -26.75
N LYS A 618 30.56 -14.33 -26.79
CA LYS A 618 31.19 -14.98 -25.65
C LYS A 618 32.63 -14.52 -25.46
N ALA A 619 33.34 -14.23 -26.55
CA ALA A 619 34.73 -13.78 -26.44
C ALA A 619 34.82 -12.46 -25.69
N GLU A 620 33.90 -11.53 -25.96
CA GLU A 620 33.90 -10.27 -25.24
C GLU A 620 33.59 -10.48 -23.76
N LEU A 621 32.70 -11.42 -23.45
CA LEU A 621 32.41 -11.75 -22.06
C LEU A 621 33.65 -12.30 -21.36
N LEU A 622 34.39 -13.18 -22.04
CA LEU A 622 35.62 -13.71 -21.46
C LEU A 622 36.64 -12.60 -21.24
N SER A 623 36.75 -11.68 -22.20
CA SER A 623 37.66 -10.55 -22.04
C SER A 623 37.28 -9.69 -20.84
N MET A 624 35.99 -9.43 -20.67
CA MET A 624 35.53 -8.65 -19.52
C MET A 624 35.78 -9.38 -18.22
N LEU A 625 35.64 -10.71 -18.22
CA LEU A 625 35.99 -11.50 -17.04
C LEU A 625 37.48 -11.36 -16.72
N ASP A 626 38.33 -11.37 -17.75
CA ASP A 626 39.76 -11.25 -17.53
C ASP A 626 40.15 -9.91 -16.95
N MET A 627 39.43 -8.84 -17.34
CA MET A 627 39.76 -7.50 -16.87
C MET A 627 39.17 -7.18 -15.50
N GLY A 628 38.41 -8.10 -14.91
CA GLY A 628 37.83 -7.88 -13.61
C GLY A 628 36.55 -7.07 -13.58
N THR A 629 36.02 -6.71 -14.75
CA THR A 629 34.76 -5.97 -14.78
C THR A 629 33.58 -6.85 -14.37
N LEU A 630 33.57 -8.10 -14.81
CA LEU A 630 32.51 -9.03 -14.51
C LEU A 630 33.06 -10.20 -13.68
N PHE A 631 32.15 -10.86 -12.96
CA PHE A 631 32.50 -12.01 -12.15
C PHE A 631 31.42 -13.06 -12.30
N THR A 632 31.76 -14.30 -11.96
CA THR A 632 30.75 -15.33 -11.85
C THR A 632 29.80 -14.99 -10.71
N PHE A 633 28.56 -15.45 -10.83
CA PHE A 633 27.53 -15.07 -9.86
C PHE A 633 27.91 -15.54 -8.46
N ARG A 634 27.77 -14.62 -7.50
CA ARG A 634 28.09 -14.93 -6.07
C ARG A 634 29.56 -15.36 -5.94
N TYR A 635 30.45 -14.74 -6.73
CA TYR A 635 31.87 -15.07 -6.62
C TYR A 635 32.47 -14.54 -5.33
N HIS A 636 32.04 -13.35 -4.90
CA HIS A 636 32.63 -12.69 -3.75
C HIS A 636 32.00 -13.09 -2.42
N VAL A 637 30.88 -13.82 -2.44
CA VAL A 637 30.16 -14.12 -1.21
C VAL A 637 30.01 -15.62 -1.03
N TRP A 638 29.33 -16.28 -1.97
CA TRP A 638 28.96 -17.69 -1.83
C TRP A 638 29.15 -18.38 -3.18
N THR A 639 30.35 -18.91 -3.39
CA THR A 639 30.66 -19.58 -4.66
C THR A 639 30.05 -20.97 -4.75
N LYS A 640 29.57 -21.53 -3.64
CA LYS A 640 28.99 -22.87 -3.67
C LYS A 640 27.75 -22.95 -4.54
N GLY A 641 27.05 -21.82 -4.74
CA GLY A 641 25.83 -21.85 -5.51
C GLY A 641 26.04 -22.27 -6.95
N HIS A 642 27.08 -21.73 -7.59
CA HIS A 642 27.38 -22.04 -8.98
C HIS A 642 28.74 -22.70 -9.15
N ALA A 643 29.29 -23.27 -8.08
CA ALA A 643 30.55 -24.00 -8.20
C ALA A 643 30.46 -25.18 -9.15
N PRO A 644 29.44 -26.05 -9.08
CA PRO A 644 29.39 -27.18 -10.03
C PRO A 644 29.18 -26.77 -11.48
N THR A 645 28.98 -25.48 -11.76
CA THR A 645 28.81 -25.05 -13.14
C THR A 645 30.07 -25.30 -13.96
N ASN A 646 31.24 -25.31 -13.31
CA ASN A 646 32.52 -25.54 -13.96
C ASN A 646 32.76 -24.51 -15.06
N PHE A 647 32.89 -23.25 -14.64
CA PHE A 647 33.13 -22.17 -15.58
C PHE A 647 34.45 -22.35 -16.33
N ALA A 648 35.43 -22.96 -15.68
CA ALA A 648 36.72 -23.18 -16.34
C ALA A 648 36.57 -24.06 -17.57
N LYS A 649 35.78 -25.13 -17.47
CA LYS A 649 35.48 -25.94 -18.64
C LYS A 649 34.57 -25.20 -19.62
N TRP A 650 33.68 -24.35 -19.09
CA TRP A 650 32.75 -23.61 -19.94
C TRP A 650 33.45 -22.58 -20.81
N ARG A 651 34.61 -22.08 -20.39
CA ARG A 651 35.30 -21.06 -21.15
C ARG A 651 35.68 -21.54 -22.54
N THR A 652 36.18 -22.77 -22.64
CA THR A 652 36.64 -23.33 -23.91
C THR A 652 35.66 -24.33 -24.51
N ALA A 653 34.53 -24.59 -23.85
CA ALA A 653 33.60 -25.60 -24.32
C ALA A 653 32.89 -25.13 -25.58
N THR A 654 32.67 -26.07 -26.51
CA THR A 654 31.93 -25.80 -27.73
C THR A 654 30.66 -26.62 -27.85
N THR A 655 30.46 -27.62 -27.00
CA THR A 655 29.26 -28.45 -26.99
C THR A 655 28.71 -28.53 -25.57
N PRO A 656 27.41 -28.71 -25.42
CA PRO A 656 26.83 -28.82 -24.08
C PRO A 656 27.41 -30.01 -23.33
N TYR A 657 27.61 -29.84 -22.02
CA TYR A 657 28.23 -30.90 -21.22
C TYR A 657 27.44 -31.10 -19.94
N ARG A 658 27.39 -32.35 -19.49
CA ARG A 658 26.64 -32.70 -18.29
C ARG A 658 27.47 -32.46 -17.03
N VAL A 659 26.82 -31.98 -15.99
CA VAL A 659 27.44 -31.81 -14.67
C VAL A 659 26.62 -32.61 -13.66
N GLU A 660 27.16 -32.70 -12.45
CA GLU A 660 26.55 -33.49 -11.39
C GLU A 660 26.13 -32.59 -10.24
N TRP A 661 25.07 -33.01 -9.55
CA TRP A 661 24.54 -32.22 -8.44
C TRP A 661 25.53 -32.20 -7.28
N GLU A 662 25.61 -31.05 -6.61
CA GLU A 662 26.42 -30.90 -5.41
C GLU A 662 25.63 -30.10 -4.39
N ALA A 663 26.18 -29.99 -3.18
CA ALA A 663 25.49 -29.32 -2.10
C ALA A 663 25.26 -27.85 -2.42
N ASP A 664 24.04 -27.38 -2.15
CA ASP A 664 23.62 -26.00 -2.36
C ASP A 664 23.71 -25.57 -3.82
N PHE A 665 23.67 -26.51 -4.74
CA PHE A 665 23.65 -26.18 -6.17
C PHE A 665 22.32 -25.51 -6.51
N GLU A 666 22.39 -24.43 -7.29
CA GLU A 666 21.20 -23.67 -7.68
C GLU A 666 21.47 -22.93 -8.97
N PRO A 667 21.45 -23.63 -10.10
CA PRO A 667 21.61 -22.97 -11.40
C PRO A 667 20.28 -22.40 -11.89
N TYR A 668 20.31 -21.85 -13.11
CA TYR A 668 19.14 -21.33 -13.79
C TYR A 668 18.87 -22.19 -15.00
N VAL A 669 17.75 -22.90 -15.00
CA VAL A 669 17.52 -24.04 -15.89
C VAL A 669 16.38 -23.74 -16.84
N VAL A 670 16.52 -24.21 -18.08
CA VAL A 670 15.44 -24.35 -19.03
C VAL A 670 14.95 -25.79 -18.95
N VAL A 671 13.65 -25.96 -18.73
CA VAL A 671 13.02 -27.25 -18.50
C VAL A 671 11.72 -27.32 -19.30
N ARG A 672 11.02 -28.43 -19.16
CA ARG A 672 9.72 -28.61 -19.80
C ARG A 672 8.63 -27.92 -18.99
N ARG A 673 7.41 -27.94 -19.52
CA ARG A 673 6.29 -27.30 -18.86
C ARG A 673 5.90 -28.03 -17.58
N ASP A 674 6.04 -29.36 -17.57
CA ASP A 674 5.61 -30.20 -16.46
C ASP A 674 6.69 -30.37 -15.40
N CYS A 675 7.61 -29.42 -15.28
CA CYS A 675 8.63 -29.50 -14.25
C CYS A 675 7.98 -29.44 -12.87
N PRO A 676 8.53 -30.14 -11.88
CA PRO A 676 7.95 -30.07 -10.53
C PRO A 676 7.97 -28.65 -9.98
N GLU A 677 6.94 -28.32 -9.22
CA GLU A 677 6.77 -26.98 -8.70
C GLU A 677 7.68 -26.72 -7.52
N TYR A 678 7.85 -25.43 -7.21
CA TYR A 678 8.61 -25.03 -6.04
C TYR A 678 7.83 -25.32 -4.77
N ASP A 679 8.54 -25.44 -3.66
CA ASP A 679 7.93 -25.68 -2.36
C ASP A 679 7.53 -24.33 -1.76
N ARG A 680 6.24 -24.17 -1.48
CA ARG A 680 5.74 -22.90 -0.97
C ARG A 680 6.10 -22.63 0.48
N ARG A 681 6.70 -23.60 1.18
CA ARG A 681 7.05 -23.40 2.57
C ARG A 681 8.16 -22.39 2.77
N PHE A 682 8.89 -22.03 1.72
CA PHE A 682 10.00 -21.08 1.80
C PHE A 682 9.52 -19.72 1.35
N VAL A 683 9.70 -18.72 2.22
CA VAL A 683 9.33 -17.34 1.93
C VAL A 683 10.49 -16.44 2.29
N GLY A 684 10.55 -15.29 1.64
CA GLY A 684 11.64 -14.35 1.89
C GLY A 684 12.83 -14.64 1.01
N PHE A 685 13.99 -14.81 1.64
CA PHE A 685 15.23 -15.05 0.86
C PHE A 685 16.03 -16.18 1.51
N GLY A 686 16.49 -17.12 0.70
CA GLY A 686 17.30 -18.24 1.19
C GLY A 686 16.66 -19.59 0.94
N TRP A 687 17.44 -20.48 0.32
CA TRP A 687 17.07 -21.86 0.06
C TRP A 687 15.85 -22.00 -0.85
N ASN A 688 15.48 -20.94 -1.57
CA ASN A 688 14.30 -21.00 -2.42
C ASN A 688 14.53 -21.90 -3.63
N LYS A 689 15.64 -21.70 -4.33
CA LYS A 689 15.94 -22.50 -5.51
C LYS A 689 16.68 -23.78 -5.19
N VAL A 690 17.33 -23.86 -4.02
CA VAL A 690 18.06 -25.06 -3.65
C VAL A 690 17.11 -26.24 -3.53
N ALA A 691 15.95 -26.02 -2.90
CA ALA A 691 14.97 -27.09 -2.76
C ALA A 691 14.46 -27.56 -4.11
N HIS A 692 14.19 -26.62 -5.02
CA HIS A 692 13.70 -27.01 -6.35
C HIS A 692 14.77 -27.79 -7.12
N ILE A 693 16.04 -27.39 -7.02
CA ILE A 693 17.10 -28.12 -7.70
C ILE A 693 17.26 -29.51 -7.10
N MET A 694 17.13 -29.63 -5.78
CA MET A 694 17.20 -30.94 -5.15
C MET A 694 16.05 -31.83 -5.62
N GLU A 695 14.84 -31.27 -5.73
CA GLU A 695 13.71 -32.04 -6.23
C GLU A 695 13.92 -32.45 -7.67
N LEU A 696 14.53 -31.57 -8.48
CA LEU A 696 14.86 -31.94 -9.85
C LEU A 696 15.84 -33.10 -9.89
N ASP A 697 16.87 -33.05 -9.05
CA ASP A 697 17.89 -34.10 -9.05
C ASP A 697 17.31 -35.42 -8.57
N VAL A 698 16.45 -35.39 -7.55
CA VAL A 698 15.90 -36.63 -7.02
C VAL A 698 14.95 -37.29 -8.00
N GLN A 699 14.46 -36.56 -9.00
CA GLN A 699 13.59 -37.12 -10.03
C GLN A 699 14.37 -37.48 -11.29
N GLU A 700 15.69 -37.68 -11.17
CA GLU A 700 16.55 -38.08 -12.28
C GLU A 700 16.49 -37.06 -13.43
N TYR A 701 16.88 -35.84 -13.11
CA TYR A 701 17.06 -34.80 -14.11
C TYR A 701 18.55 -34.60 -14.35
N GLU A 702 18.93 -34.55 -15.63
CA GLU A 702 20.33 -34.37 -16.02
C GLU A 702 20.61 -32.88 -16.17
N PHE A 703 21.59 -32.39 -15.43
CA PHE A 703 21.98 -30.99 -15.52
C PHE A 703 22.97 -30.82 -16.67
N ILE A 704 22.59 -30.03 -17.66
CA ILE A 704 23.39 -29.80 -18.86
C ILE A 704 23.72 -28.32 -18.95
N VAL A 705 25.00 -28.02 -19.12
CA VAL A 705 25.46 -26.65 -19.30
C VAL A 705 25.72 -26.41 -20.78
N LEU A 706 25.13 -25.35 -21.32
CA LEU A 706 25.30 -24.97 -22.72
C LEU A 706 26.56 -24.12 -22.87
N PRO A 707 27.30 -24.28 -23.96
CA PRO A 707 28.56 -23.54 -24.12
C PRO A 707 28.38 -22.06 -24.41
N ASN A 708 27.46 -21.72 -25.31
CA ASN A 708 27.33 -20.36 -25.84
C ASN A 708 26.14 -19.61 -25.26
N ALA A 709 25.86 -19.79 -23.96
CA ALA A 709 24.79 -19.08 -23.30
C ALA A 709 25.30 -18.49 -22.00
N TYR A 710 24.78 -17.32 -21.64
CA TYR A 710 25.17 -16.67 -20.40
C TYR A 710 24.12 -15.63 -20.03
N MET A 711 24.14 -15.25 -18.75
CA MET A 711 23.26 -14.22 -18.22
C MET A 711 23.99 -13.49 -17.11
N ILE A 712 23.74 -12.19 -16.99
CA ILE A 712 24.48 -11.33 -16.08
C ILE A 712 23.53 -10.78 -15.04
N HIS A 713 23.88 -10.95 -13.76
CA HIS A 713 23.05 -10.49 -12.65
C HIS A 713 23.38 -9.04 -12.37
N MET A 714 22.51 -8.14 -12.82
CA MET A 714 22.70 -6.72 -12.57
C MET A 714 22.53 -6.42 -11.08
N PRO A 715 23.40 -5.59 -10.50
CA PRO A 715 23.31 -5.34 -9.06
C PRO A 715 22.04 -4.61 -8.68
N HIS A 716 21.57 -4.85 -7.46
CA HIS A 716 20.36 -4.24 -6.96
C HIS A 716 20.46 -3.98 -5.46
N ALA A 717 19.89 -2.86 -5.04
CA ALA A 717 19.83 -2.56 -3.63
C ALA A 717 19.12 -3.67 -2.84
N PRO A 718 19.59 -4.00 -1.64
CA PRO A 718 18.95 -5.07 -0.87
C PRO A 718 17.49 -4.75 -0.61
N SER A 719 16.64 -5.75 -0.83
CA SER A 719 15.21 -5.58 -0.59
C SER A 719 14.92 -5.54 0.90
N PHE A 720 13.71 -5.08 1.24
CA PHE A 720 13.31 -5.06 2.65
C PHE A 720 13.30 -6.46 3.23
N ASP A 721 13.06 -7.47 2.41
CA ASP A 721 13.13 -8.85 2.88
C ASP A 721 14.53 -9.17 3.39
N ILE A 722 15.55 -8.93 2.57
CA ILE A 722 16.92 -9.19 2.99
C ILE A 722 17.19 -8.29 4.20
N THR A 723 17.02 -6.98 4.03
CA THR A 723 17.35 -6.04 5.11
C THR A 723 16.80 -6.43 6.47
N LYS A 724 15.51 -6.76 6.54
CA LYS A 724 14.92 -7.15 7.82
C LYS A 724 15.32 -8.57 8.20
N PHE A 725 14.91 -9.55 7.40
CA PHE A 725 15.21 -10.95 7.68
C PHE A 725 16.40 -11.39 6.84
N ARG A 726 17.56 -10.80 7.17
CA ARG A 726 18.80 -11.06 6.45
C ARG A 726 19.44 -12.37 6.87
N SER A 727 18.64 -13.45 6.91
CA SER A 727 19.13 -14.78 7.30
C SER A 727 19.89 -14.72 8.61
N ASN A 728 19.35 -13.97 9.58
CA ASN A 728 19.99 -13.80 10.88
C ASN A 728 18.93 -13.87 11.97
N LYS A 729 19.32 -14.43 13.11
CA LYS A 729 18.51 -14.48 14.33
C LYS A 729 17.24 -15.28 14.05
N GLN A 730 16.05 -14.72 14.27
CA GLN A 730 14.82 -15.51 14.17
C GLN A 730 14.61 -16.04 12.76
N TYR A 731 14.88 -15.21 11.75
CA TYR A 731 14.69 -15.68 10.37
C TYR A 731 15.66 -16.79 10.03
N ARG A 732 16.91 -16.69 10.49
CA ARG A 732 17.87 -17.76 10.24
C ARG A 732 17.43 -19.05 10.90
N ILE A 733 16.94 -18.98 12.14
CA ILE A 733 16.47 -20.17 12.82
C ILE A 733 15.28 -20.78 12.08
N CYS A 734 14.34 -19.94 11.66
CA CYS A 734 13.16 -20.44 10.96
C CYS A 734 13.51 -21.03 9.60
N LEU A 735 14.44 -20.41 8.88
CA LEU A 735 14.87 -20.95 7.59
C LEU A 735 15.59 -22.27 7.76
N LYS A 736 16.41 -22.39 8.81
CA LYS A 736 17.05 -23.68 9.09
C LYS A 736 16.00 -24.74 9.41
N THR A 737 14.97 -24.37 10.18
CA THR A 737 13.91 -25.32 10.49
C THR A 737 13.16 -25.75 9.23
N LEU A 738 12.87 -24.80 8.34
CA LEU A 738 12.21 -25.13 7.08
C LEU A 738 13.08 -26.03 6.22
N LYS A 739 14.39 -25.77 6.19
CA LYS A 739 15.31 -26.64 5.45
C LYS A 739 15.30 -28.05 6.02
N GLU A 740 15.31 -28.17 7.35
CA GLU A 740 15.25 -29.49 7.97
C GLU A 740 13.96 -30.22 7.63
N GLU A 741 12.83 -29.50 7.66
CA GLU A 741 11.55 -30.10 7.31
C GLU A 741 11.54 -30.56 5.86
N PHE A 742 12.09 -29.74 4.96
CA PHE A 742 12.16 -30.14 3.56
C PHE A 742 13.03 -31.38 3.37
N GLN A 743 14.16 -31.44 4.09
CA GLN A 743 15.01 -32.62 4.01
C GLN A 743 14.28 -33.86 4.51
N GLN A 744 13.53 -33.73 5.61
CA GLN A 744 12.77 -34.86 6.13
C GLN A 744 11.72 -35.32 5.12
N ASP A 745 11.02 -34.38 4.49
CA ASP A 745 10.04 -34.74 3.48
C ASP A 745 10.69 -35.40 2.27
N MET A 746 11.89 -34.92 1.89
CA MET A 746 12.63 -35.56 0.81
C MET A 746 12.99 -36.99 1.16
N SER A 747 13.44 -37.22 2.39
CA SER A 747 13.77 -38.57 2.83
C SER A 747 12.55 -39.47 2.83
N ARG A 748 11.41 -38.95 3.31
CA ARG A 748 10.21 -39.79 3.42
C ARG A 748 9.62 -40.10 2.04
N ARG A 749 9.63 -39.13 1.13
CA ARG A 749 8.88 -39.30 -0.12
C ARG A 749 9.57 -40.28 -1.07
N TYR A 750 10.90 -40.21 -1.18
CA TYR A 750 11.64 -41.00 -2.15
C TYR A 750 12.49 -42.09 -1.53
N GLY A 751 12.84 -41.98 -0.25
CA GLY A 751 13.58 -43.03 0.42
C GLY A 751 15.04 -43.14 0.03
N PHE A 752 15.39 -44.23 -0.65
CA PHE A 752 16.80 -44.49 -0.96
C PHE A 752 17.36 -43.48 -1.94
N ALA A 753 16.57 -43.04 -2.92
CA ALA A 753 17.08 -42.13 -3.94
C ALA A 753 17.39 -40.75 -3.40
N ALA A 754 16.96 -40.41 -2.19
CA ALA A 754 17.17 -39.09 -1.62
C ALA A 754 18.10 -39.10 -0.42
N LEU A 755 18.93 -40.14 -0.29
CA LEU A 755 19.81 -40.22 0.87
C LEU A 755 21.00 -39.27 0.77
N LYS A 756 21.46 -38.98 -0.46
CA LYS A 756 22.68 -38.21 -0.64
C LYS A 756 22.51 -36.74 -0.27
N TYR A 757 21.29 -36.27 -0.05
CA TYR A 757 21.06 -34.87 0.30
C TYR A 757 21.15 -34.60 1.79
N LEU A 758 21.29 -35.63 2.62
CA LEU A 758 21.36 -35.43 4.06
C LEU A 758 22.63 -34.66 4.44
N THR A 759 23.75 -34.96 3.79
CA THR A 759 25.02 -34.31 4.09
C THR A 759 25.21 -33.00 3.33
N ALA A 760 24.23 -32.58 2.54
CA ALA A 760 24.33 -31.34 1.79
C ALA A 760 24.33 -30.14 2.72
N LYS B 142 -30.73 13.08 13.16
CA LYS B 142 -30.02 12.39 12.10
C LYS B 142 -28.54 12.77 12.08
N CYS B 143 -28.27 14.09 12.12
CA CYS B 143 -26.91 14.61 12.13
C CYS B 143 -26.48 15.08 13.52
N GLU B 144 -26.96 14.40 14.56
CA GLU B 144 -26.60 14.80 15.92
C GLU B 144 -25.12 14.57 16.18
N THR B 145 -24.48 15.55 16.80
CA THR B 145 -23.05 15.47 17.06
C THR B 145 -22.78 14.50 18.21
N ILE B 146 -21.86 13.57 17.98
CA ILE B 146 -21.45 12.58 18.98
C ILE B 146 -20.10 13.00 19.53
N HIS B 147 -20.02 13.14 20.86
CA HIS B 147 -18.83 13.63 21.52
C HIS B 147 -18.06 12.46 22.12
N VAL B 148 -16.78 12.33 21.74
CA VAL B 148 -15.93 11.24 22.20
C VAL B 148 -14.73 11.85 22.91
N ALA B 149 -14.49 11.44 24.15
CA ALA B 149 -13.39 11.95 24.95
C ALA B 149 -12.32 10.87 25.06
N ILE B 150 -11.10 11.22 24.67
CA ILE B 150 -9.97 10.29 24.66
C ILE B 150 -8.80 10.93 25.39
N VAL B 151 -8.15 10.15 26.26
CA VAL B 151 -6.97 10.60 26.98
C VAL B 151 -5.75 9.99 26.31
N CYS B 152 -4.82 10.83 25.86
CA CYS B 152 -3.65 10.39 25.12
C CYS B 152 -2.40 11.00 25.73
N ALA B 153 -1.32 10.22 25.80
CA ALA B 153 -0.06 10.70 26.36
C ALA B 153 1.07 9.82 25.84
N GLY B 154 1.93 10.39 25.00
CA GLY B 154 3.07 9.69 24.47
C GLY B 154 2.90 9.32 23.00
N TYR B 155 4.00 8.84 22.42
CA TYR B 155 3.99 8.47 21.01
C TYR B 155 3.26 7.15 20.78
N ASN B 156 3.44 6.19 21.68
CA ASN B 156 2.68 4.95 21.60
C ASN B 156 1.19 5.21 21.73
N ALA B 157 0.81 6.08 22.68
CA ALA B 157 -0.58 6.46 22.83
C ALA B 157 -1.08 7.21 21.60
N SER B 158 -0.21 8.00 20.98
CA SER B 158 -0.60 8.70 19.76
C SER B 158 -0.91 7.72 18.64
N ARG B 159 -0.06 6.70 18.45
CA ARG B 159 -0.35 5.68 17.45
C ARG B 159 -1.64 4.94 17.78
N ASP B 160 -1.84 4.61 19.06
CA ASP B 160 -3.05 3.90 19.46
C ASP B 160 -4.31 4.73 19.20
N VAL B 161 -4.25 6.04 19.50
CA VAL B 161 -5.42 6.88 19.27
C VAL B 161 -5.64 7.11 17.79
N VAL B 162 -4.57 7.09 16.98
CA VAL B 162 -4.77 7.12 15.53
C VAL B 162 -5.53 5.88 15.08
N THR B 163 -5.15 4.71 15.59
CA THR B 163 -5.86 3.49 15.24
C THR B 163 -7.31 3.54 15.69
N LEU B 164 -7.56 4.04 16.91
CA LEU B 164 -8.92 4.14 17.42
C LEU B 164 -9.76 5.10 16.58
N VAL B 165 -9.19 6.24 16.20
CA VAL B 165 -9.92 7.20 15.39
C VAL B 165 -10.23 6.61 14.02
N LYS B 166 -9.28 5.87 13.43
CA LYS B 166 -9.57 5.21 12.16
C LYS B 166 -10.71 4.22 12.31
N SER B 167 -10.69 3.43 13.39
CA SER B 167 -11.76 2.45 13.61
C SER B 167 -13.12 3.14 13.77
N VAL B 168 -13.16 4.23 14.54
CA VAL B 168 -14.40 4.95 14.75
C VAL B 168 -14.90 5.56 13.45
N LEU B 169 -14.00 6.16 12.67
CA LEU B 169 -14.41 6.82 11.44
C LEU B 169 -14.83 5.83 10.37
N PHE B 170 -14.33 4.61 10.41
CA PHE B 170 -14.72 3.62 9.41
C PHE B 170 -16.20 3.23 9.53
N HIS B 171 -16.80 3.42 10.69
CA HIS B 171 -18.19 3.04 10.92
C HIS B 171 -19.11 4.21 11.23
N ARG B 172 -18.60 5.44 11.29
CA ARG B 172 -19.40 6.56 11.72
C ARG B 172 -20.47 6.91 10.69
N ARG B 173 -21.59 7.47 11.19
CA ARG B 173 -22.62 8.02 10.34
C ARG B 173 -23.15 9.37 10.83
N ASN B 174 -22.60 9.90 11.91
CA ASN B 174 -23.00 11.17 12.50
C ASN B 174 -21.77 12.02 12.74
N PRO B 175 -21.94 13.34 12.87
CA PRO B 175 -20.79 14.20 13.14
C PRO B 175 -20.10 13.82 14.44
N LEU B 176 -18.78 13.95 14.45
CA LEU B 176 -17.94 13.52 15.56
C LEU B 176 -17.16 14.70 16.12
N HIS B 177 -17.14 14.82 17.44
CA HIS B 177 -16.38 15.85 18.15
C HIS B 177 -15.46 15.14 19.14
N PHE B 178 -14.17 15.16 18.86
CA PHE B 178 -13.18 14.53 19.71
C PHE B 178 -12.63 15.54 20.71
N HIS B 179 -12.57 15.12 21.97
CA HIS B 179 -11.99 15.90 23.07
C HIS B 179 -10.78 15.12 23.55
N LEU B 180 -9.59 15.58 23.17
CA LEU B 180 -8.35 14.86 23.45
C LEU B 180 -7.66 15.51 24.64
N ILE B 181 -7.65 14.82 25.78
CA ILE B 181 -6.89 15.25 26.95
C ILE B 181 -5.46 14.74 26.74
N ALA B 182 -4.54 15.64 26.38
CA ALA B 182 -3.21 15.22 25.99
C ALA B 182 -2.17 16.19 26.53
N ASP B 183 -0.99 15.67 26.80
CA ASP B 183 0.16 16.50 27.13
C ASP B 183 0.75 17.09 25.84
N SER B 184 1.74 17.96 26.00
CA SER B 184 2.29 18.69 24.86
C SER B 184 2.89 17.73 23.83
N ILE B 185 3.58 16.68 24.31
CA ILE B 185 4.20 15.73 23.40
C ILE B 185 3.15 15.10 22.48
N ALA B 186 2.06 14.62 23.05
CA ALA B 186 0.98 14.07 22.25
C ALA B 186 0.17 15.15 21.56
N GLU B 187 0.04 16.32 22.19
CA GLU B 187 -0.78 17.39 21.62
C GLU B 187 -0.23 17.86 20.29
N GLN B 188 1.09 18.07 20.21
CA GLN B 188 1.68 18.52 18.95
C GLN B 188 1.45 17.50 17.84
N ILE B 189 1.71 16.22 18.13
CA ILE B 189 1.56 15.17 17.13
C ILE B 189 0.12 15.10 16.65
N LEU B 190 -0.84 15.07 17.59
CA LEU B 190 -2.23 14.90 17.21
C LEU B 190 -2.75 16.15 16.49
N ALA B 191 -2.33 17.34 16.92
CA ALA B 191 -2.75 18.55 16.25
C ALA B 191 -2.27 18.59 14.81
N THR B 192 -0.99 18.27 14.59
CA THR B 192 -0.48 18.24 13.23
C THR B 192 -1.18 17.16 12.40
N LEU B 193 -1.40 15.99 13.00
CA LEU B 193 -2.03 14.89 12.28
C LEU B 193 -3.45 15.24 11.83
N PHE B 194 -4.23 15.83 12.73
CA PHE B 194 -5.61 16.18 12.38
C PHE B 194 -5.67 17.39 11.48
N GLN B 195 -4.72 18.32 11.60
CA GLN B 195 -4.67 19.44 10.66
C GLN B 195 -4.39 18.96 9.24
N THR B 196 -3.46 18.02 9.09
CA THR B 196 -3.13 17.51 7.77
C THR B 196 -4.11 16.45 7.28
N TRP B 197 -4.89 15.85 8.16
CA TRP B 197 -5.77 14.75 7.78
C TRP B 197 -6.99 15.26 7.01
N MET B 198 -7.60 16.36 7.46
CA MET B 198 -8.73 16.98 6.78
C MET B 198 -9.92 16.03 6.67
N VAL B 199 -10.30 15.45 7.80
CA VAL B 199 -11.46 14.56 7.84
C VAL B 199 -12.73 15.40 7.95
N PRO B 200 -13.66 15.28 7.01
CA PRO B 200 -14.90 16.06 7.09
C PRO B 200 -15.74 15.68 8.29
N ALA B 201 -16.49 16.66 8.79
CA ALA B 201 -17.44 16.47 9.89
C ALA B 201 -16.77 15.92 11.15
N VAL B 202 -15.51 16.28 11.37
CA VAL B 202 -14.78 15.90 12.58
C VAL B 202 -14.20 17.16 13.19
N ARG B 203 -14.60 17.46 14.43
CA ARG B 203 -14.11 18.63 15.15
C ARG B 203 -13.28 18.15 16.33
N VAL B 204 -12.02 18.55 16.37
CA VAL B 204 -11.07 18.06 17.36
C VAL B 204 -10.66 19.22 18.25
N ASP B 205 -10.74 19.00 19.56
CA ASP B 205 -10.29 19.99 20.54
C ASP B 205 -9.32 19.30 21.50
N PHE B 206 -8.39 20.08 22.05
CA PHE B 206 -7.32 19.57 22.88
C PHE B 206 -7.37 20.21 24.26
N TYR B 207 -6.99 19.43 25.27
CA TYR B 207 -7.00 19.87 26.65
C TYR B 207 -5.68 19.51 27.32
N ASN B 208 -5.14 20.46 28.07
CA ASN B 208 -3.84 20.27 28.73
C ASN B 208 -3.98 19.21 29.81
N ALA B 209 -3.32 18.06 29.60
CA ALA B 209 -3.36 17.00 30.60
C ALA B 209 -2.49 17.31 31.80
N ASP B 210 -1.42 18.10 31.61
CA ASP B 210 -0.52 18.41 32.72
C ASP B 210 -1.23 19.18 33.82
N GLU B 211 -2.11 20.11 33.44
CA GLU B 211 -2.83 20.91 34.43
C GLU B 211 -3.69 20.03 35.33
N LEU B 212 -4.10 18.86 34.85
CA LEU B 212 -4.89 17.93 35.64
C LEU B 212 -4.05 17.03 36.53
N LYS B 213 -2.72 17.05 36.37
CA LYS B 213 -1.87 16.16 37.16
C LYS B 213 -2.00 16.45 38.65
N SER B 214 -2.02 17.73 39.02
CA SER B 214 -2.21 18.11 40.42
C SER B 214 -3.54 17.63 40.97
N GLU B 215 -4.51 17.37 40.09
CA GLU B 215 -5.79 16.83 40.54
C GLU B 215 -5.69 15.37 40.97
N VAL B 216 -4.69 14.65 40.49
CA VAL B 216 -4.54 13.24 40.83
C VAL B 216 -3.11 12.96 41.29
N SER B 217 -2.37 14.03 41.61
CA SER B 217 -1.01 13.86 42.10
C SER B 217 -0.98 13.20 43.48
N TRP B 218 -2.09 13.27 44.22
CA TRP B 218 -2.16 12.69 45.55
C TRP B 218 -2.53 11.22 45.54
N ILE B 219 -2.83 10.64 44.38
CA ILE B 219 -3.23 9.25 44.27
C ILE B 219 -2.04 8.46 43.71
N PRO B 220 -1.39 7.62 44.50
CA PRO B 220 -0.34 6.75 43.95
C PRO B 220 -0.92 5.79 42.91
N ASN B 221 -0.14 5.54 41.86
CA ASN B 221 -0.59 4.68 40.78
C ASN B 221 0.55 3.75 40.36
N LYS B 222 0.19 2.53 39.96
CA LYS B 222 1.15 1.55 39.47
C LYS B 222 0.82 1.00 38.09
N HIS B 223 -0.31 1.38 37.52
CA HIS B 223 -0.66 0.95 36.16
C HIS B 223 0.32 1.55 35.17
N TYR B 224 0.59 0.80 34.09
CA TYR B 224 1.60 1.23 33.13
C TYR B 224 1.22 2.51 32.40
N SER B 225 -0.07 2.87 32.39
CA SER B 225 -0.48 4.14 31.82
C SER B 225 -0.06 5.33 32.67
N GLY B 226 0.39 5.10 33.90
CA GLY B 226 0.89 6.17 34.73
C GLY B 226 -0.19 7.09 35.25
N ILE B 227 0.25 8.28 35.67
CA ILE B 227 -0.67 9.28 36.23
C ILE B 227 -1.74 9.66 35.22
N TYR B 228 -1.41 9.63 33.92
CA TYR B 228 -2.38 9.94 32.89
C TYR B 228 -3.58 9.01 32.91
N GLY B 229 -3.44 7.83 33.51
CA GLY B 229 -4.57 6.93 33.65
C GLY B 229 -5.59 7.33 34.70
N LEU B 230 -5.24 8.27 35.57
CA LEU B 230 -6.13 8.72 36.63
C LEU B 230 -6.97 9.93 36.25
N MET B 231 -6.86 10.40 35.01
CA MET B 231 -7.49 11.66 34.62
C MET B 231 -8.94 11.48 34.16
N LYS B 232 -9.35 10.27 33.79
CA LYS B 232 -10.72 10.07 33.34
C LYS B 232 -11.74 10.41 34.42
N LEU B 233 -11.31 10.46 35.69
CA LEU B 233 -12.20 10.87 36.77
C LEU B 233 -12.56 12.35 36.65
N VAL B 234 -11.61 13.18 36.25
CA VAL B 234 -11.77 14.63 36.32
C VAL B 234 -12.23 15.22 34.99
N LEU B 235 -12.71 14.38 34.07
CA LEU B 235 -13.13 14.88 32.76
C LEU B 235 -14.27 15.89 32.90
N THR B 236 -15.18 15.67 33.85
CA THR B 236 -16.26 16.62 34.07
C THR B 236 -15.73 17.99 34.43
N LYS B 237 -14.57 18.06 35.09
CA LYS B 237 -13.97 19.34 35.40
C LYS B 237 -13.33 19.98 34.18
N THR B 238 -12.87 19.17 33.23
CA THR B 238 -12.13 19.68 32.07
C THR B 238 -13.03 20.00 30.89
N LEU B 239 -13.99 19.13 30.59
CA LEU B 239 -14.83 19.32 29.41
C LEU B 239 -15.71 20.56 29.58
N PRO B 240 -16.13 21.16 28.47
CA PRO B 240 -16.95 22.38 28.57
C PRO B 240 -18.26 22.13 29.29
N ALA B 241 -18.72 23.17 30.00
CA ALA B 241 -19.91 23.05 30.82
C ALA B 241 -21.19 22.90 29.99
N ASN B 242 -21.15 23.27 28.71
CA ASN B 242 -22.34 23.20 27.88
C ASN B 242 -22.58 21.82 27.29
N LEU B 243 -21.65 20.88 27.49
CA LEU B 243 -21.78 19.53 26.96
C LEU B 243 -22.57 18.66 27.93
N GLU B 244 -23.48 17.84 27.40
CA GLU B 244 -24.36 17.01 28.21
C GLU B 244 -23.88 15.57 28.29
N ARG B 245 -23.70 14.92 27.16
CA ARG B 245 -23.36 13.50 27.09
C ARG B 245 -22.06 13.31 26.31
N VAL B 246 -21.30 12.29 26.71
CA VAL B 246 -20.00 12.01 26.09
C VAL B 246 -19.72 10.51 26.19
N ILE B 247 -18.89 10.03 25.27
CA ILE B 247 -18.41 8.66 25.27
C ILE B 247 -16.91 8.69 25.53
N VAL B 248 -16.49 8.20 26.68
CA VAL B 248 -15.09 8.18 27.05
C VAL B 248 -14.48 6.86 26.60
N LEU B 249 -13.36 6.95 25.87
CA LEU B 249 -12.71 5.77 25.33
C LEU B 249 -11.25 5.71 25.77
N ASP B 250 -10.67 4.52 25.64
CA ASP B 250 -9.25 4.31 25.84
C ASP B 250 -8.55 4.14 24.51
N THR B 251 -7.22 4.30 24.53
CA THR B 251 -6.45 4.27 23.30
C THR B 251 -6.41 2.89 22.66
N ASP B 252 -6.69 1.84 23.41
CA ASP B 252 -6.63 0.46 22.92
C ASP B 252 -8.00 -0.08 22.55
N ILE B 253 -8.88 0.76 22.03
CA ILE B 253 -10.24 0.40 21.68
C ILE B 253 -10.37 0.36 20.17
N THR B 254 -11.11 -0.62 19.66
CA THR B 254 -11.41 -0.73 18.24
C THR B 254 -12.91 -0.89 18.07
N PHE B 255 -13.45 -0.21 17.07
CA PHE B 255 -14.89 -0.23 16.79
C PHE B 255 -15.17 -1.06 15.55
N ALA B 256 -16.06 -2.03 15.69
CA ALA B 256 -16.54 -2.81 14.55
C ALA B 256 -17.98 -2.48 14.18
N THR B 257 -18.59 -1.51 14.84
CA THR B 257 -19.95 -1.10 14.56
C THR B 257 -20.03 0.42 14.60
N ASP B 258 -21.14 0.96 14.12
CA ASP B 258 -21.35 2.40 14.13
C ASP B 258 -21.40 2.91 15.56
N ILE B 259 -20.69 4.02 15.82
CA ILE B 259 -20.72 4.62 17.15
C ILE B 259 -22.07 5.27 17.44
N ALA B 260 -22.85 5.55 16.39
CA ALA B 260 -24.19 6.08 16.60
C ALA B 260 -25.07 5.08 17.35
N GLU B 261 -24.82 3.78 17.16
CA GLU B 261 -25.55 2.76 17.91
C GLU B 261 -25.29 2.88 19.41
N LEU B 262 -24.02 3.13 19.77
CA LEU B 262 -23.69 3.32 21.18
C LEU B 262 -24.22 4.66 21.70
N TRP B 263 -24.22 5.69 20.86
CA TRP B 263 -24.77 6.98 21.27
C TRP B 263 -26.28 6.90 21.49
N ALA B 264 -26.96 6.04 20.75
CA ALA B 264 -28.40 5.86 20.93
C ALA B 264 -28.74 5.23 22.27
N VAL B 265 -27.78 4.55 22.92
CA VAL B 265 -28.03 3.96 24.22
C VAL B 265 -28.28 5.03 25.28
N PHE B 266 -27.87 6.27 25.02
CA PHE B 266 -28.13 7.34 25.97
C PHE B 266 -29.62 7.57 26.17
N HIS B 267 -30.44 7.27 25.15
CA HIS B 267 -31.88 7.43 25.28
C HIS B 267 -32.48 6.45 26.26
N LYS B 268 -31.79 5.36 26.57
CA LYS B 268 -32.33 4.30 27.42
C LYS B 268 -31.98 4.48 28.88
N PHE B 269 -31.26 5.54 29.24
CA PHE B 269 -30.95 5.79 30.65
C PHE B 269 -32.20 6.19 31.40
N LYS B 270 -32.34 5.66 32.62
CA LYS B 270 -33.48 5.96 33.48
C LYS B 270 -33.00 6.16 34.90
N GLY B 271 -33.78 6.91 35.68
CA GLY B 271 -33.42 7.16 37.06
C GLY B 271 -32.14 7.96 37.18
N GLN B 272 -31.30 7.58 38.15
CA GLN B 272 -30.05 8.26 38.41
C GLN B 272 -28.86 7.57 37.78
N GLN B 273 -29.09 6.56 36.93
CA GLN B 273 -28.00 5.89 36.22
C GLN B 273 -27.35 6.87 35.25
N VAL B 274 -26.06 7.13 35.44
CA VAL B 274 -25.35 8.08 34.58
C VAL B 274 -24.09 7.50 33.95
N LEU B 275 -23.47 6.47 34.52
CA LEU B 275 -22.23 5.90 33.99
C LEU B 275 -22.59 4.62 33.24
N GLY B 276 -22.50 4.67 31.91
CA GLY B 276 -22.76 3.48 31.13
C GLY B 276 -21.54 2.60 31.03
N LEU B 277 -21.50 1.54 31.83
CA LEU B 277 -20.30 0.72 31.95
C LEU B 277 -20.63 -0.74 31.64
N VAL B 278 -19.59 -1.47 31.24
CA VAL B 278 -19.69 -2.90 30.93
C VAL B 278 -19.03 -3.66 32.07
N GLU B 279 -19.69 -4.71 32.54
CA GLU B 279 -19.16 -5.50 33.65
C GLU B 279 -17.83 -6.12 33.26
N ASN B 280 -16.89 -6.10 34.21
CA ASN B 280 -15.56 -6.66 33.97
C ASN B 280 -15.67 -8.14 33.63
N GLN B 281 -14.93 -8.55 32.60
CA GLN B 281 -14.95 -9.93 32.13
C GLN B 281 -13.84 -10.79 32.73
N SER B 282 -13.06 -10.24 33.66
CA SER B 282 -12.02 -10.98 34.34
C SER B 282 -12.39 -11.19 35.80
N ASP B 283 -11.71 -12.15 36.42
CA ASP B 283 -11.91 -12.46 37.83
C ASP B 283 -10.99 -11.65 38.74
N TRP B 284 -10.54 -10.49 38.29
CA TRP B 284 -9.64 -9.67 39.09
C TRP B 284 -10.34 -9.16 40.36
N TYR B 285 -11.59 -8.72 40.23
CA TYR B 285 -12.34 -8.20 41.36
C TYR B 285 -13.08 -9.26 42.14
N LEU B 286 -13.10 -10.50 41.67
CA LEU B 286 -13.78 -11.58 42.38
C LEU B 286 -13.01 -12.08 43.59
N GLY B 287 -11.75 -11.70 43.73
CA GLY B 287 -10.95 -12.13 44.87
C GLY B 287 -10.45 -13.55 44.75
N PRO B 295 -7.92 -7.14 46.17
CA PRO B 295 -8.05 -6.01 45.25
C PRO B 295 -9.03 -4.96 45.75
N TRP B 296 -9.27 -3.93 44.95
CA TRP B 296 -10.21 -2.89 45.32
C TRP B 296 -11.63 -3.45 45.35
N PRO B 297 -12.45 -3.02 46.31
CA PRO B 297 -13.83 -3.51 46.37
C PRO B 297 -14.62 -3.12 45.12
N ALA B 298 -15.53 -4.01 44.73
CA ALA B 298 -16.32 -3.80 43.53
C ALA B 298 -17.62 -4.59 43.66
N LEU B 299 -18.58 -4.25 42.80
CA LEU B 299 -19.86 -4.94 42.77
C LEU B 299 -19.80 -6.08 41.77
N GLY B 300 -19.98 -7.30 42.26
CA GLY B 300 -19.87 -8.46 41.38
C GLY B 300 -18.46 -8.58 40.82
N ARG B 301 -18.38 -8.75 39.51
CA ARG B 301 -17.08 -8.79 38.84
C ARG B 301 -16.45 -7.42 38.66
N GLY B 302 -17.20 -6.35 38.92
CA GLY B 302 -16.74 -5.01 38.66
C GLY B 302 -17.06 -4.57 37.24
N TYR B 303 -16.78 -3.29 36.97
CA TYR B 303 -17.05 -2.71 35.66
C TYR B 303 -15.74 -2.21 35.05
N ASN B 304 -15.66 -2.32 33.73
CA ASN B 304 -14.46 -1.97 32.98
C ASN B 304 -14.59 -0.56 32.43
N THR B 305 -13.56 0.26 32.65
CA THR B 305 -13.54 1.65 32.21
C THR B 305 -12.97 1.82 30.81
N GLY B 306 -12.87 0.74 30.03
CA GLY B 306 -12.41 0.88 28.66
C GLY B 306 -13.36 1.71 27.82
N VAL B 307 -14.67 1.51 28.00
CA VAL B 307 -15.69 2.30 27.34
C VAL B 307 -16.65 2.82 28.41
N ILE B 308 -16.85 4.13 28.44
CA ILE B 308 -17.70 4.78 29.43
C ILE B 308 -18.70 5.67 28.71
N LEU B 309 -19.93 5.69 29.21
CA LEU B 309 -20.93 6.66 28.77
C LEU B 309 -21.22 7.59 29.93
N LEU B 310 -21.04 8.89 29.72
CA LEU B 310 -21.18 9.88 30.77
C LEU B 310 -22.26 10.89 30.41
N LEU B 311 -23.09 11.24 31.39
CA LEU B 311 -24.00 12.37 31.29
C LEU B 311 -23.41 13.48 32.16
N LEU B 312 -22.73 14.43 31.51
CA LEU B 312 -21.97 15.44 32.23
C LEU B 312 -22.86 16.32 33.08
N ASP B 313 -24.03 16.68 32.56
CA ASP B 313 -24.92 17.59 33.28
C ASP B 313 -25.36 16.97 34.61
N LYS B 314 -25.77 15.70 34.60
CA LYS B 314 -26.22 15.06 35.82
C LYS B 314 -25.06 14.86 36.80
N LEU B 315 -23.87 14.53 36.30
CA LEU B 315 -22.71 14.39 37.17
C LEU B 315 -22.38 15.71 37.85
N ARG B 316 -22.45 16.82 37.10
CA ARG B 316 -22.18 18.13 37.69
C ARG B 316 -23.26 18.50 38.70
N LYS B 317 -24.52 18.16 38.42
CA LYS B 317 -25.59 18.45 39.36
C LYS B 317 -25.45 17.65 40.65
N MET B 318 -24.86 16.46 40.58
CA MET B 318 -24.71 15.60 41.74
C MET B 318 -23.37 15.75 42.44
N LYS B 319 -22.53 16.70 42.00
CA LYS B 319 -21.22 16.93 42.59
C LYS B 319 -20.37 15.65 42.57
N TRP B 320 -20.10 15.18 41.34
CA TRP B 320 -19.33 13.96 41.17
C TRP B 320 -17.90 14.11 41.69
N GLU B 321 -17.34 15.31 41.61
CA GLU B 321 -15.96 15.52 42.05
C GLU B 321 -15.80 15.17 43.52
N GLN B 322 -16.65 15.74 44.38
CA GLN B 322 -16.56 15.47 45.80
C GLN B 322 -16.82 14.00 46.10
N MET B 323 -17.80 13.41 45.42
CA MET B 323 -18.14 12.01 45.66
C MET B 323 -16.94 11.11 45.38
N TRP B 324 -16.35 11.23 44.18
CA TRP B 324 -15.23 10.36 43.86
C TRP B 324 -14.00 10.67 44.69
N ARG B 325 -13.78 11.95 45.04
CA ARG B 325 -12.63 12.27 45.88
C ARG B 325 -12.76 11.63 47.26
N LEU B 326 -13.95 11.73 47.86
CA LEU B 326 -14.15 11.11 49.17
C LEU B 326 -14.04 9.60 49.09
N THR B 327 -14.61 9.00 48.05
CA THR B 327 -14.53 7.54 47.90
C THR B 327 -13.08 7.09 47.73
N ALA B 328 -12.31 7.80 46.91
CA ALA B 328 -10.91 7.45 46.70
C ALA B 328 -10.10 7.61 47.97
N GLU B 329 -10.33 8.70 48.72
CA GLU B 329 -9.62 8.88 49.98
C GLU B 329 -9.95 7.78 50.97
N ARG B 330 -11.23 7.41 51.09
CA ARG B 330 -11.61 6.36 52.02
C ARG B 330 -10.99 5.03 51.62
N GLU B 331 -10.98 4.72 50.32
CA GLU B 331 -10.37 3.47 49.88
C GLU B 331 -8.86 3.47 50.10
N LEU B 332 -8.20 4.59 49.82
CA LEU B 332 -6.75 4.66 49.98
C LEU B 332 -6.33 4.70 51.43
N MET B 333 -7.25 5.01 52.36
CA MET B 333 -6.91 4.94 53.77
C MET B 333 -6.50 3.52 54.16
N GLY B 334 -7.10 2.50 53.54
CA GLY B 334 -6.76 1.13 53.83
C GLY B 334 -5.95 0.45 52.74
N MET B 335 -6.28 0.73 51.48
CA MET B 335 -5.59 0.09 50.38
C MET B 335 -4.18 0.65 50.18
N LEU B 336 -4.03 1.97 50.30
CA LEU B 336 -2.78 2.71 50.17
C LEU B 336 -2.19 2.67 48.77
N SER B 337 -2.84 2.00 47.80
CA SER B 337 -2.32 1.92 46.45
C SER B 337 -3.45 1.57 45.50
N THR B 338 -3.20 1.81 44.21
CA THR B 338 -4.16 1.51 43.15
C THR B 338 -3.54 0.47 42.23
N SER B 339 -4.32 -0.59 41.93
CA SER B 339 -3.83 -1.66 41.06
C SER B 339 -4.17 -1.41 39.60
N LEU B 340 -5.39 -0.97 39.30
CA LEU B 340 -5.81 -0.66 37.95
C LEU B 340 -6.10 0.82 37.75
N ALA B 341 -5.48 1.67 38.56
CA ALA B 341 -5.58 3.14 38.45
C ALA B 341 -7.05 3.54 38.65
N ASP B 342 -7.52 4.57 37.94
CA ASP B 342 -8.83 5.15 38.22
C ASP B 342 -9.95 4.13 38.08
N GLN B 343 -9.75 3.11 37.25
CA GLN B 343 -10.75 2.06 37.11
C GLN B 343 -11.14 1.50 38.48
N ASP B 344 -10.14 1.16 39.30
CA ASP B 344 -10.43 0.70 40.65
C ASP B 344 -11.29 1.71 41.39
N ILE B 345 -10.90 2.98 41.34
CA ILE B 345 -11.68 4.03 41.99
C ILE B 345 -13.12 4.01 41.49
N PHE B 346 -13.29 3.88 40.17
CA PHE B 346 -14.64 3.78 39.62
C PHE B 346 -15.43 2.70 40.33
N ASN B 347 -14.83 1.49 40.43
CA ASN B 347 -15.53 0.38 41.06
C ASN B 347 -15.93 0.74 42.49
N ALA B 348 -15.04 1.44 43.21
CA ALA B 348 -15.36 1.84 44.58
C ALA B 348 -16.62 2.68 44.62
N VAL B 349 -16.75 3.64 43.69
CA VAL B 349 -17.97 4.43 43.62
C VAL B 349 -19.16 3.52 43.34
N ILE B 350 -18.97 2.56 42.43
CA ILE B 350 -20.03 1.61 42.11
C ILE B 350 -20.45 0.84 43.36
N LYS B 351 -19.53 0.65 44.31
CA LYS B 351 -19.91 0.00 45.56
C LYS B 351 -20.81 0.89 46.40
N GLN B 352 -20.50 2.20 46.47
CA GLN B 352 -21.27 3.08 47.34
C GLN B 352 -22.64 3.39 46.76
N ASN B 353 -22.70 3.67 45.46
CA ASN B 353 -23.94 4.08 44.79
C ASN B 353 -24.12 3.23 43.55
N PRO B 354 -24.58 1.98 43.70
CA PRO B 354 -24.80 1.12 42.52
C PRO B 354 -25.87 1.64 41.58
N PHE B 355 -26.76 2.51 42.05
CA PHE B 355 -27.83 3.02 41.20
C PHE B 355 -27.34 4.00 40.13
N LEU B 356 -26.09 4.45 40.22
CA LEU B 356 -25.56 5.38 39.22
C LEU B 356 -25.07 4.69 37.96
N VAL B 357 -24.93 3.37 37.98
CA VAL B 357 -24.26 2.63 36.90
C VAL B 357 -25.32 1.94 36.05
N TYR B 358 -25.22 2.10 34.74
CA TYR B 358 -26.06 1.40 33.78
C TYR B 358 -25.22 0.30 33.13
N GLN B 359 -25.68 -0.94 33.28
CA GLN B 359 -24.92 -2.10 32.81
C GLN B 359 -25.21 -2.30 31.33
N LEU B 360 -24.25 -1.91 30.49
CA LEU B 360 -24.36 -2.08 29.06
C LEU B 360 -24.21 -3.55 28.69
N PRO B 361 -24.69 -3.94 27.50
CA PRO B 361 -24.43 -5.31 27.02
C PRO B 361 -22.94 -5.57 26.91
N CYS B 362 -22.58 -6.85 27.10
CA CYS B 362 -21.17 -7.22 27.18
C CYS B 362 -20.43 -6.92 25.87
N PHE B 363 -21.09 -7.15 24.73
CA PHE B 363 -20.42 -6.97 23.44
C PHE B 363 -20.09 -5.52 23.13
N TRP B 364 -20.37 -4.59 24.04
CA TRP B 364 -19.91 -3.22 23.89
C TRP B 364 -18.49 -3.02 24.41
N ASN B 365 -17.92 -4.02 25.09
CA ASN B 365 -16.54 -3.93 25.56
C ASN B 365 -16.01 -5.35 25.71
N VAL B 366 -15.35 -5.84 24.66
CA VAL B 366 -14.85 -7.21 24.61
C VAL B 366 -13.39 -7.16 25.03
N GLN B 367 -13.12 -7.51 26.29
CA GLN B 367 -11.77 -7.44 26.84
C GLN B 367 -11.03 -8.73 26.51
N LEU B 368 -10.04 -8.63 25.64
CA LEU B 368 -9.20 -9.77 25.28
C LEU B 368 -7.96 -9.85 26.17
N SER B 369 -8.16 -9.82 27.47
CA SER B 369 -7.05 -9.85 28.41
C SER B 369 -6.61 -11.29 28.67
N ASP B 370 -5.57 -11.44 29.49
CA ASP B 370 -5.07 -12.76 29.83
C ASP B 370 -6.08 -13.50 30.70
N HIS B 371 -6.24 -14.79 30.43
CA HIS B 371 -7.19 -15.64 31.15
C HIS B 371 -8.60 -15.05 31.12
N THR B 372 -9.00 -14.54 29.96
CA THR B 372 -10.30 -13.88 29.85
C THR B 372 -11.44 -14.89 30.03
N ARG B 373 -11.37 -16.03 29.35
CA ARG B 373 -12.37 -17.09 29.46
C ARG B 373 -13.78 -16.57 29.23
N SER B 374 -13.94 -15.64 28.29
CA SER B 374 -15.24 -15.04 28.01
C SER B 374 -15.81 -15.49 26.67
N GLU B 375 -15.64 -16.78 26.32
CA GLU B 375 -16.09 -17.26 25.02
C GLU B 375 -17.59 -17.06 24.83
N GLN B 376 -18.38 -17.17 25.90
CA GLN B 376 -19.81 -16.97 25.79
C GLN B 376 -20.15 -15.53 25.40
N CYS B 377 -19.35 -14.58 25.87
CA CYS B 377 -19.63 -13.17 25.59
C CYS B 377 -19.56 -12.88 24.10
N TYR B 378 -18.54 -13.41 23.41
CA TYR B 378 -18.36 -13.20 21.98
C TYR B 378 -18.59 -14.48 21.18
N ARG B 379 -19.49 -15.35 21.66
CA ARG B 379 -19.84 -16.56 20.92
C ARG B 379 -20.37 -16.22 19.53
N ASP B 380 -21.05 -15.09 19.39
CA ASP B 380 -21.52 -14.62 18.07
C ASP B 380 -20.52 -13.57 17.56
N VAL B 381 -19.43 -14.07 16.99
CA VAL B 381 -18.37 -13.18 16.49
C VAL B 381 -18.88 -12.31 15.36
N SER B 382 -19.92 -12.75 14.65
CA SER B 382 -20.45 -11.98 13.54
C SER B 382 -21.03 -10.64 14.01
N ASP B 383 -21.63 -10.63 15.20
CA ASP B 383 -22.30 -9.45 15.74
C ASP B 383 -21.53 -8.83 16.90
N LEU B 384 -20.20 -8.81 16.80
CA LEU B 384 -19.38 -8.14 17.79
C LEU B 384 -19.18 -6.68 17.41
N LYS B 385 -19.10 -5.81 18.42
CA LYS B 385 -19.16 -4.37 18.20
C LYS B 385 -17.87 -3.65 18.58
N VAL B 386 -17.43 -3.75 19.84
CA VAL B 386 -16.29 -3.00 20.34
C VAL B 386 -15.31 -3.95 20.99
N ILE B 387 -14.04 -3.83 20.63
CA ILE B 387 -12.98 -4.73 21.10
C ILE B 387 -11.98 -3.91 21.90
N HIS B 388 -11.57 -4.44 23.05
CA HIS B 388 -10.58 -3.81 23.90
C HIS B 388 -9.33 -4.69 23.90
N TRP B 389 -8.21 -4.12 23.47
CA TRP B 389 -6.94 -4.86 23.40
C TRP B 389 -6.10 -4.59 24.65
N ASN B 390 -6.64 -5.00 25.79
CA ASN B 390 -5.96 -4.81 27.07
C ASN B 390 -5.01 -5.95 27.41
N SER B 391 -4.60 -6.74 26.40
CA SER B 391 -3.68 -7.84 26.63
C SER B 391 -2.25 -7.31 26.65
N PRO B 392 -1.50 -7.50 27.75
CA PRO B 392 -0.10 -7.05 27.85
C PRO B 392 0.81 -7.70 26.82
N GLU B 403 -8.50 -15.60 15.44
CA GLU B 403 -8.03 -15.23 14.11
C GLU B 403 -8.84 -14.07 13.54
N PHE B 404 -10.16 -14.11 13.79
CA PHE B 404 -11.02 -13.02 13.33
C PHE B 404 -10.63 -11.71 13.99
N PHE B 405 -10.29 -11.74 15.29
CA PHE B 405 -9.86 -10.52 15.97
C PHE B 405 -8.56 -9.99 15.37
N ARG B 406 -7.62 -10.89 15.06
CA ARG B 406 -6.37 -10.46 14.45
C ARG B 406 -6.61 -9.82 13.08
N ASN B 407 -7.47 -10.44 12.26
CA ASN B 407 -7.78 -9.88 10.95
C ASN B 407 -8.48 -8.53 11.08
N LEU B 408 -9.41 -8.41 12.03
CA LEU B 408 -10.10 -7.15 12.25
C LEU B 408 -9.13 -6.05 12.68
N TYR B 409 -8.20 -6.39 13.57
CA TYR B 409 -7.20 -5.41 14.00
C TYR B 409 -6.33 -4.97 12.84
N LEU B 410 -5.86 -5.93 12.04
CA LEU B 410 -5.03 -5.59 10.88
C LEU B 410 -5.82 -4.84 9.81
N THR B 411 -7.15 -4.96 9.81
CA THR B 411 -7.96 -4.23 8.84
C THR B 411 -7.82 -2.73 9.04
N PHE B 412 -7.89 -2.27 10.28
CA PHE B 412 -7.77 -0.84 10.56
C PHE B 412 -6.34 -0.40 10.78
N LEU B 413 -5.48 -1.29 11.25
CA LEU B 413 -4.08 -0.93 11.46
C LEU B 413 -3.38 -0.63 10.14
N GLU B 414 -3.88 -1.17 9.04
CA GLU B 414 -3.32 -0.95 7.71
C GLU B 414 -4.29 -0.28 6.75
N TYR B 415 -5.40 0.25 7.26
CA TYR B 415 -6.37 0.91 6.40
C TYR B 415 -5.87 2.29 5.98
N ASP B 416 -6.14 2.66 4.74
CA ASP B 416 -5.72 3.97 4.23
C ASP B 416 -6.59 5.07 4.82
N GLY B 417 -5.98 5.99 5.55
CA GLY B 417 -6.74 7.05 6.18
C GLY B 417 -7.26 8.09 5.20
N ASN B 418 -6.60 8.24 4.06
CA ASN B 418 -7.06 9.20 3.06
C ASN B 418 -8.40 8.82 2.45
N LEU B 419 -8.83 7.57 2.62
CA LEU B 419 -10.16 7.17 2.20
C LEU B 419 -11.24 7.78 3.09
N LEU B 420 -10.88 8.33 4.25
CA LEU B 420 -11.83 8.95 5.15
C LEU B 420 -12.12 10.40 4.78
N ARG B 421 -11.50 10.93 3.74
CA ARG B 421 -11.73 12.31 3.33
C ARG B 421 -12.97 12.41 2.45
N ARG B 422 -14.09 11.88 2.92
CA ARG B 422 -15.37 11.97 2.23
C ARG B 422 -16.42 12.48 3.20
N GLU B 423 -17.18 13.48 2.77
CA GLU B 423 -18.14 14.13 3.65
C GLU B 423 -19.31 13.21 3.96
N LEU B 424 -19.94 13.44 5.11
CA LEU B 424 -21.12 12.69 5.50
C LEU B 424 -22.33 13.14 4.69
N PHE B 425 -23.03 12.17 4.11
CA PHE B 425 -24.21 12.48 3.31
C PHE B 425 -25.34 12.99 4.19
N GLY B 426 -26.00 14.05 3.72
CA GLY B 426 -27.14 14.62 4.42
C GLY B 426 -26.79 15.53 5.58
N CYS B 427 -25.51 15.74 5.87
CA CYS B 427 -25.10 16.59 6.98
C CYS B 427 -24.10 17.62 6.47
N PRO B 428 -24.31 18.90 6.77
CA PRO B 428 -23.37 19.93 6.29
C PRO B 428 -22.03 19.82 7.00
N SER B 429 -20.96 20.02 6.23
CA SER B 429 -19.61 19.98 6.78
C SER B 429 -19.13 21.39 7.11
N GLU B 430 -18.57 21.55 8.30
CA GLU B 430 -18.05 22.84 8.72
C GLU B 430 -16.86 23.25 7.85
N ALA B 431 -16.75 24.55 7.61
CA ALA B 431 -15.72 25.10 6.73
C ALA B 431 -14.42 25.24 7.51
N ASP B 432 -13.39 24.49 7.11
CA ASP B 432 -12.07 24.57 7.70
C ASP B 432 -11.15 25.41 6.81
N VAL B 433 -10.25 26.16 7.45
CA VAL B 433 -9.39 27.08 6.71
C VAL B 433 -8.48 26.31 5.75
N ASN B 434 -7.85 25.23 6.25
CA ASN B 434 -6.95 24.47 5.40
C ASN B 434 -7.68 23.79 4.25
N SER B 435 -8.85 23.21 4.54
CA SER B 435 -9.64 22.58 3.48
C SER B 435 -10.10 23.59 2.46
N GLU B 436 -10.55 24.76 2.91
CA GLU B 436 -10.97 25.81 1.98
C GLU B 436 -9.81 26.28 1.11
N ASN B 437 -8.63 26.46 1.71
CA ASN B 437 -7.47 26.88 0.92
C ASN B 437 -7.10 25.82 -0.11
N LEU B 438 -7.10 24.54 0.29
CA LEU B 438 -6.78 23.48 -0.66
C LEU B 438 -7.79 23.42 -1.80
N GLN B 439 -9.08 23.53 -1.48
CA GLN B 439 -10.10 23.50 -2.53
C GLN B 439 -9.96 24.68 -3.47
N LYS B 440 -9.70 25.88 -2.93
CA LYS B 440 -9.53 27.05 -3.78
C LYS B 440 -8.32 26.91 -4.70
N GLN B 441 -7.20 26.46 -4.14
CA GLN B 441 -5.99 26.31 -4.94
C GLN B 441 -6.16 25.25 -6.02
N LEU B 442 -6.81 24.13 -5.69
CA LEU B 442 -7.04 23.10 -6.69
C LEU B 442 -8.03 23.57 -7.76
N SER B 443 -9.01 24.40 -7.38
CA SER B 443 -9.93 24.93 -8.37
C SER B 443 -9.23 25.92 -9.30
N GLU B 444 -8.26 26.68 -8.78
CA GLU B 444 -7.52 27.61 -9.63
C GLU B 444 -6.70 26.88 -10.69
N LEU B 445 -6.26 25.67 -10.40
CA LEU B 445 -5.43 24.93 -11.33
C LEU B 445 -6.25 24.48 -12.54
N ASP B 446 -5.65 24.60 -13.72
CA ASP B 446 -6.31 24.20 -14.96
C ASP B 446 -6.07 22.71 -15.21
N GLU B 447 -7.15 21.95 -15.35
CA GLU B 447 -7.03 20.53 -15.64
C GLU B 447 -6.64 20.24 -17.08
N ASP B 448 -6.83 21.21 -17.99
CA ASP B 448 -6.43 21.00 -19.37
C ASP B 448 -4.92 21.09 -19.56
N ASP B 449 -4.21 21.71 -18.62
CA ASP B 449 -2.76 21.79 -18.72
C ASP B 449 -2.15 20.42 -18.56
N LEU B 450 -1.12 20.13 -19.37
CA LEU B 450 -0.48 18.82 -19.33
C LEU B 450 0.27 18.59 -18.02
N CYS B 451 0.66 19.65 -17.32
CA CYS B 451 1.34 19.54 -16.04
C CYS B 451 0.39 19.68 -14.86
N TYR B 452 -0.85 19.23 -15.02
CA TYR B 452 -1.84 19.36 -13.94
C TYR B 452 -1.44 18.54 -12.72
N GLU B 453 -0.87 17.35 -12.94
CA GLU B 453 -0.54 16.47 -11.82
C GLU B 453 0.51 17.11 -10.91
N PHE B 454 1.54 17.72 -11.50
CA PHE B 454 2.60 18.31 -10.68
C PHE B 454 2.09 19.51 -9.88
N ARG B 455 1.31 20.38 -10.51
CA ARG B 455 0.76 21.52 -9.78
C ARG B 455 -0.20 21.07 -8.69
N ARG B 456 -0.99 20.01 -8.95
CA ARG B 456 -1.85 19.46 -7.92
C ARG B 456 -1.05 18.92 -6.76
N GLU B 457 0.04 18.20 -7.05
CA GLU B 457 0.88 17.65 -5.99
C GLU B 457 1.59 18.74 -5.21
N ARG B 458 1.82 19.90 -5.83
CA ARG B 458 2.50 20.99 -5.13
C ARG B 458 1.72 21.44 -3.90
N PHE B 459 0.42 21.65 -4.06
CA PHE B 459 -0.42 22.15 -2.96
C PHE B 459 -1.08 21.03 -2.18
N THR B 460 -0.88 19.77 -2.56
CA THR B 460 -1.50 18.65 -1.87
C THR B 460 -1.01 18.60 -0.42
N VAL B 461 -1.97 18.45 0.50
CA VAL B 461 -1.67 18.35 1.93
C VAL B 461 -1.63 16.87 2.28
N HIS B 462 -0.49 16.43 2.81
CA HIS B 462 -0.26 15.03 3.14
C HIS B 462 -0.40 14.83 4.64
N ARG B 463 -1.13 13.79 5.03
CA ARG B 463 -1.29 13.46 6.44
C ARG B 463 0.06 13.15 7.07
N THR B 464 0.46 13.96 8.04
CA THR B 464 1.78 13.86 8.65
C THR B 464 1.65 13.41 10.10
N HIS B 465 2.44 12.41 10.47
CA HIS B 465 2.44 11.87 11.83
C HIS B 465 3.83 12.11 12.41
N LEU B 466 3.98 13.22 13.14
CA LEU B 466 5.28 13.57 13.73
C LEU B 466 5.65 12.58 14.83
N TYR B 467 6.94 12.24 14.89
CA TYR B 467 7.48 11.38 15.93
C TYR B 467 6.71 10.06 16.01
N PHE B 468 6.79 9.30 14.92
CA PHE B 468 6.06 8.05 14.83
C PHE B 468 6.53 7.01 15.86
N LEU B 469 7.75 7.14 16.36
CA LEU B 469 8.28 6.27 17.38
C LEU B 469 8.71 7.08 18.59
N HIS B 470 9.03 6.38 19.68
CA HIS B 470 9.42 7.06 20.91
C HIS B 470 10.69 7.89 20.68
N TYR B 471 10.68 9.10 21.22
CA TYR B 471 11.76 10.06 20.99
C TYR B 471 12.19 10.68 22.31
N GLU B 472 13.50 10.78 22.51
CA GLU B 472 14.07 11.46 23.66
C GLU B 472 15.25 12.31 23.19
N TYR B 473 15.48 13.42 23.89
CA TYR B 473 16.57 14.32 23.53
C TYR B 473 16.90 15.19 24.73
N GLU B 474 18.18 15.55 24.83
CA GLU B 474 18.66 16.45 25.84
C GLU B 474 19.37 17.63 25.19
N PRO B 475 19.07 18.87 25.58
CA PRO B 475 19.70 20.02 24.94
C PRO B 475 21.21 20.03 25.15
N ALA B 476 21.93 20.52 24.15
CA ALA B 476 23.38 20.64 24.25
C ALA B 476 23.75 21.78 25.18
N ALA B 477 24.76 21.54 26.02
CA ALA B 477 25.21 22.59 26.95
C ALA B 477 25.81 23.77 26.20
N ASP B 478 26.57 23.50 25.13
CA ASP B 478 27.22 24.55 24.38
C ASP B 478 26.33 25.18 23.32
N SER B 479 25.11 24.66 23.13
CA SER B 479 24.15 25.20 22.16
C SER B 479 24.73 25.22 20.76
N THR B 480 25.47 24.16 20.40
CA THR B 480 26.04 24.03 19.06
C THR B 480 25.72 22.68 18.44
N ASP B 481 24.67 22.01 18.91
CA ASP B 481 24.36 20.68 18.44
C ASP B 481 23.85 20.71 17.00
N VAL B 482 24.12 19.62 16.27
CA VAL B 482 23.75 19.48 14.87
C VAL B 482 22.93 18.21 14.71
N THR B 483 21.84 18.31 13.96
CA THR B 483 20.96 17.18 13.70
C THR B 483 21.08 16.78 12.23
N LEU B 484 21.35 15.50 11.99
CA LEU B 484 21.36 14.97 10.63
C LEU B 484 19.93 14.94 10.10
N VAL B 485 19.68 15.68 9.02
CA VAL B 485 18.36 15.80 8.43
C VAL B 485 18.36 15.08 7.10
N ALA B 486 17.46 14.12 6.96
CA ALA B 486 17.36 13.35 5.72
C ALA B 486 15.92 12.86 5.55
N GLN B 487 15.59 12.50 4.33
CA GLN B 487 14.29 11.92 4.02
C GLN B 487 14.49 10.70 3.14
N LEU B 488 13.59 9.73 3.28
CA LEU B 488 13.72 8.48 2.56
C LEU B 488 12.35 7.88 2.31
N SER B 489 12.29 6.98 1.34
CA SER B 489 11.13 6.13 1.13
C SER B 489 11.42 4.75 1.70
N MET B 490 10.50 3.80 1.47
CA MET B 490 10.66 2.46 2.05
C MET B 490 11.90 1.77 1.52
N ASP B 491 12.12 1.83 0.21
CA ASP B 491 13.20 1.11 -0.43
C ASP B 491 14.59 1.59 -0.02
N ARG B 492 14.69 2.52 0.93
CA ARG B 492 15.97 2.98 1.45
C ARG B 492 16.20 2.56 2.90
N LEU B 493 15.30 1.75 3.47
CA LEU B 493 15.39 1.43 4.90
C LEU B 493 16.74 0.82 5.26
N GLN B 494 17.35 0.06 4.35
CA GLN B 494 18.62 -0.59 4.65
C GLN B 494 19.71 0.40 5.00
N MET B 495 19.57 1.67 4.60
CA MET B 495 20.58 2.66 4.94
C MET B 495 20.52 3.06 6.41
N LEU B 496 19.31 3.03 7.00
CA LEU B 496 19.11 3.66 8.30
C LEU B 496 20.10 3.15 9.34
N GLU B 497 20.17 1.83 9.52
CA GLU B 497 21.09 1.28 10.51
C GLU B 497 22.51 1.72 10.24
N ALA B 498 22.94 1.65 8.97
CA ALA B 498 24.28 2.11 8.62
C ALA B 498 24.48 3.55 9.06
N ILE B 499 23.50 4.41 8.80
CA ILE B 499 23.61 5.80 9.23
C ILE B 499 23.71 5.87 10.74
N CYS B 500 22.91 5.07 11.44
CA CYS B 500 22.97 5.07 12.90
C CYS B 500 24.31 4.56 13.40
N LYS B 501 25.04 3.82 12.58
CA LYS B 501 26.38 3.37 12.98
C LYS B 501 27.44 4.44 12.74
N HIS B 502 27.13 5.46 11.95
CA HIS B 502 28.09 6.52 11.66
C HIS B 502 27.82 7.80 12.42
N TRP B 503 26.56 8.16 12.61
CA TRP B 503 26.16 9.42 13.24
C TRP B 503 25.61 9.11 14.63
N GLU B 504 26.31 9.56 15.66
CA GLU B 504 25.89 9.35 17.04
C GLU B 504 24.99 10.47 17.56
N GLY B 505 24.79 11.52 16.78
CA GLY B 505 23.99 12.65 17.21
C GLY B 505 22.54 12.50 16.82
N PRO B 506 21.73 13.52 17.15
CA PRO B 506 20.30 13.46 16.82
C PRO B 506 20.08 13.41 15.31
N ILE B 507 19.06 12.66 14.91
CA ILE B 507 18.71 12.48 13.51
C ILE B 507 17.23 12.79 13.34
N SER B 508 16.89 13.49 12.27
CA SER B 508 15.50 13.81 11.94
C SER B 508 15.21 13.27 10.54
N LEU B 509 14.32 12.30 10.46
CA LEU B 509 14.01 11.62 9.21
C LEU B 509 12.55 11.79 8.86
N ALA B 510 12.26 11.86 7.56
CA ALA B 510 10.90 11.94 7.05
C ALA B 510 10.68 10.76 6.11
N LEU B 511 9.80 9.86 6.50
CA LEU B 511 9.54 8.63 5.74
C LEU B 511 8.22 8.76 5.00
N TYR B 512 8.26 8.51 3.68
CA TYR B 512 7.08 8.58 2.83
C TYR B 512 6.53 7.17 2.66
N LEU B 513 5.75 6.74 3.65
CA LEU B 513 5.25 5.37 3.72
C LEU B 513 3.73 5.36 3.71
N SER B 514 3.16 4.27 3.17
CA SER B 514 1.74 4.03 3.31
C SER B 514 1.46 3.38 4.66
N ASP B 515 0.17 3.17 4.97
CA ASP B 515 -0.19 2.60 6.26
C ASP B 515 0.38 1.20 6.43
N ALA B 516 0.25 0.37 5.40
CA ALA B 516 0.88 -0.95 5.45
C ALA B 516 2.39 -0.84 5.55
N GLU B 517 2.99 0.05 4.75
CA GLU B 517 4.43 0.29 4.86
C GLU B 517 4.80 0.90 6.19
N ALA B 518 3.92 1.73 6.77
CA ALA B 518 4.18 2.27 8.09
C ALA B 518 4.24 1.16 9.14
N GLN B 519 3.32 0.20 9.06
CA GLN B 519 3.35 -0.91 10.01
C GLN B 519 4.56 -1.81 9.77
N GLN B 520 4.93 -2.02 8.51
CA GLN B 520 6.14 -2.78 8.21
C GLN B 520 7.37 -2.10 8.80
N PHE B 521 7.47 -0.77 8.65
CA PHE B 521 8.58 -0.04 9.23
C PHE B 521 8.58 -0.11 10.75
N LEU B 522 7.39 -0.05 11.35
CA LEU B 522 7.30 -0.17 12.80
C LEU B 522 7.80 -1.53 13.28
N ARG B 523 7.41 -2.59 12.57
CA ARG B 523 7.90 -3.92 12.93
C ARG B 523 9.41 -4.03 12.73
N TYR B 524 9.93 -3.45 11.64
CA TYR B 524 11.36 -3.49 11.39
C TYR B 524 12.13 -2.74 12.48
N ALA B 525 11.62 -1.57 12.89
CA ALA B 525 12.32 -0.76 13.87
C ALA B 525 12.27 -1.39 15.25
N GLN B 526 11.11 -1.98 15.62
CA GLN B 526 11.02 -2.64 16.91
C GLN B 526 11.82 -3.94 16.94
N GLY B 527 12.04 -4.55 15.79
CA GLY B 527 12.82 -5.77 15.67
C GLY B 527 14.29 -5.57 15.41
N SER B 528 14.78 -4.33 15.43
CA SER B 528 16.19 -4.04 15.18
C SER B 528 16.82 -3.49 16.44
N GLU B 529 17.94 -4.10 16.84
CA GLU B 529 18.63 -3.64 18.05
C GLU B 529 19.22 -2.26 17.87
N VAL B 530 19.75 -1.96 16.68
CA VAL B 530 20.38 -0.67 16.43
C VAL B 530 19.38 0.47 16.58
N LEU B 531 18.21 0.31 15.96
CA LEU B 531 17.21 1.37 16.01
C LEU B 531 16.59 1.51 17.40
N MET B 532 16.42 0.40 18.11
CA MET B 532 15.86 0.45 19.46
C MET B 532 16.85 0.98 20.48
N SER B 533 18.14 0.90 20.19
CA SER B 533 19.15 1.43 21.11
C SER B 533 19.31 2.93 21.00
N ARG B 534 18.78 3.56 19.95
CA ARG B 534 18.89 4.99 19.72
C ARG B 534 17.52 5.62 19.88
N HIS B 535 17.42 6.64 20.75
CA HIS B 535 16.18 7.34 20.97
C HIS B 535 16.15 8.72 20.34
N ASN B 536 17.30 9.29 19.98
CA ASN B 536 17.37 10.64 19.43
C ASN B 536 17.18 10.67 17.92
N VAL B 537 16.50 9.68 17.35
CA VAL B 537 16.19 9.65 15.92
C VAL B 537 14.71 9.96 15.77
N GLY B 538 14.40 11.05 15.09
CA GLY B 538 13.03 11.46 14.88
C GLY B 538 12.44 10.91 13.61
N TYR B 539 11.44 10.04 13.74
CA TYR B 539 10.77 9.43 12.59
C TYR B 539 9.45 10.16 12.35
N HIS B 540 9.39 10.90 11.26
CA HIS B 540 8.18 11.64 10.88
C HIS B 540 7.62 10.98 9.62
N ILE B 541 6.48 10.32 9.75
CA ILE B 541 5.89 9.58 8.64
C ILE B 541 4.91 10.48 7.91
N VAL B 542 5.13 10.67 6.61
CA VAL B 542 4.24 11.42 5.74
C VAL B 542 3.57 10.40 4.84
N TYR B 543 2.26 10.20 5.02
CA TYR B 543 1.57 9.12 4.36
C TYR B 543 1.43 9.39 2.86
N LYS B 544 1.47 8.31 2.07
CA LYS B 544 1.52 8.43 0.63
C LYS B 544 0.23 9.01 0.06
N GLU B 545 0.38 9.90 -0.91
CA GLU B 545 -0.75 10.48 -1.63
C GLU B 545 -0.22 11.01 -2.95
N GLY B 546 -1.02 10.87 -4.00
CA GLY B 546 -0.60 11.32 -5.31
C GLY B 546 0.27 10.31 -6.01
N GLN B 547 0.89 10.75 -7.11
CA GLN B 547 1.69 9.89 -7.97
C GLN B 547 3.19 10.14 -7.85
N PHE B 548 3.61 11.30 -7.36
CA PHE B 548 5.02 11.68 -7.37
C PHE B 548 5.58 11.68 -5.95
N TYR B 549 6.90 11.79 -5.87
CA TYR B 549 7.61 11.75 -4.60
C TYR B 549 7.80 13.17 -4.09
N PRO B 550 7.18 13.55 -2.98
CA PRO B 550 7.33 14.92 -2.44
C PRO B 550 8.63 15.09 -1.65
N VAL B 551 9.73 15.17 -2.41
CA VAL B 551 11.06 15.24 -1.79
C VAL B 551 11.21 16.53 -0.99
N ASN B 552 10.80 17.66 -1.56
CA ASN B 552 10.92 18.93 -0.87
C ASN B 552 10.00 19.02 0.33
N LEU B 553 8.78 18.48 0.20
CA LEU B 553 7.86 18.46 1.35
C LEU B 553 8.45 17.63 2.49
N LEU B 554 9.02 16.47 2.17
CA LEU B 554 9.64 15.64 3.19
C LEU B 554 10.82 16.34 3.83
N ARG B 555 11.63 17.04 3.03
CA ARG B 555 12.76 17.79 3.57
C ARG B 555 12.28 18.89 4.51
N ASN B 556 11.21 19.61 4.13
CA ASN B 556 10.67 20.64 4.99
C ASN B 556 10.15 20.05 6.30
N VAL B 557 9.46 18.92 6.21
CA VAL B 557 8.95 18.27 7.42
C VAL B 557 10.10 17.87 8.34
N ALA B 558 11.17 17.30 7.77
CA ALA B 558 12.31 16.89 8.58
C ALA B 558 13.00 18.10 9.20
N MET B 559 13.16 19.18 8.44
CA MET B 559 13.87 20.36 8.95
C MET B 559 13.08 21.07 10.03
N LYS B 560 11.77 21.21 9.84
CA LYS B 560 10.96 22.03 10.74
C LYS B 560 10.89 21.47 12.14
N HIS B 561 11.12 20.17 12.31
CA HIS B 561 10.90 19.49 13.59
C HIS B 561 12.20 18.92 14.15
N ILE B 562 13.27 19.73 14.10
CA ILE B 562 14.53 19.35 14.71
C ILE B 562 14.60 19.96 16.10
N SER B 563 15.51 19.45 16.92
CA SER B 563 15.67 19.89 18.30
C SER B 563 16.99 20.59 18.55
N THR B 564 17.72 20.96 17.49
CA THR B 564 19.04 21.53 17.62
C THR B 564 19.15 22.82 16.83
N PRO B 565 20.02 23.74 17.27
CA PRO B 565 20.15 25.01 16.54
C PRO B 565 20.64 24.86 15.10
N TYR B 566 21.45 23.85 14.81
CA TYR B 566 22.02 23.66 13.50
C TYR B 566 21.60 22.32 12.91
N MET B 567 21.46 22.27 11.60
CA MET B 567 21.03 21.06 10.91
C MET B 567 21.88 20.81 9.68
N PHE B 568 22.19 19.54 9.43
CA PHE B 568 22.94 19.10 8.27
C PHE B 568 21.95 18.51 7.27
N LEU B 569 21.79 19.18 6.12
CA LEU B 569 20.81 18.74 5.12
C LEU B 569 21.43 17.64 4.26
N SER B 570 21.59 16.48 4.88
CA SER B 570 22.23 15.34 4.24
C SER B 570 21.21 14.58 3.38
N ASP B 571 21.60 13.37 2.96
CA ASP B 571 20.70 12.51 2.15
C ASP B 571 20.79 11.09 2.71
N ILE B 572 19.74 10.29 2.54
CA ILE B 572 19.71 8.94 3.11
C ILE B 572 20.67 8.01 2.41
N ASP B 573 21.10 8.34 1.18
CA ASP B 573 22.02 7.51 0.43
C ASP B 573 23.47 7.78 0.75
N PHE B 574 23.75 8.74 1.63
CA PHE B 574 25.11 9.17 1.93
C PHE B 574 25.50 8.70 3.33
N LEU B 575 26.57 7.96 3.43
CA LEU B 575 27.16 7.59 4.70
C LEU B 575 28.22 8.61 5.09
N PRO B 576 28.13 9.22 6.26
CA PRO B 576 29.15 10.16 6.70
C PRO B 576 30.35 9.44 7.29
N MET B 577 31.40 10.21 7.55
CA MET B 577 32.59 9.67 8.20
C MET B 577 32.35 9.49 9.69
N TYR B 578 33.20 8.66 10.30
CA TYR B 578 33.13 8.47 11.74
C TYR B 578 33.57 9.74 12.47
N GLY B 579 32.83 10.10 13.51
CA GLY B 579 33.15 11.29 14.27
C GLY B 579 32.80 12.60 13.61
N LEU B 580 32.01 12.57 12.53
CA LEU B 580 31.62 13.81 11.87
C LEU B 580 30.74 14.67 12.77
N TYR B 581 30.03 14.06 13.72
CA TYR B 581 29.19 14.82 14.63
C TYR B 581 30.01 15.80 15.45
N GLU B 582 31.06 15.30 16.11
CA GLU B 582 31.93 16.17 16.90
C GLU B 582 32.70 17.14 16.02
N TYR B 583 33.08 16.71 14.81
CA TYR B 583 33.79 17.62 13.91
C TYR B 583 32.92 18.80 13.52
N LEU B 584 31.65 18.56 13.23
CA LEU B 584 30.74 19.67 12.90
C LEU B 584 30.43 20.52 14.11
N ARG B 585 30.33 19.89 15.30
CA ARG B 585 30.13 20.67 16.51
C ARG B 585 31.30 21.59 16.80
N LYS B 586 32.52 21.17 16.44
CA LYS B 586 33.67 22.07 16.57
C LYS B 586 33.70 23.10 15.45
N SER B 587 33.28 22.71 14.24
CA SER B 587 33.35 23.61 13.10
C SER B 587 32.37 24.76 13.21
N VAL B 588 31.19 24.53 13.79
CA VAL B 588 30.24 25.62 13.94
C VAL B 588 30.79 26.68 14.88
N ILE B 589 31.52 26.26 15.92
CA ILE B 589 32.18 27.22 16.81
C ILE B 589 33.33 27.91 16.10
N GLN B 590 34.13 27.15 15.34
CA GLN B 590 35.30 27.72 14.69
C GLN B 590 34.92 28.76 13.65
N LEU B 591 33.90 28.49 12.85
CA LEU B 591 33.50 29.41 11.79
C LEU B 591 32.45 30.42 12.25
N ASP B 592 31.92 30.28 13.46
CA ASP B 592 30.93 31.21 14.02
C ASP B 592 29.73 31.36 13.08
N LEU B 593 29.02 30.25 12.88
CA LEU B 593 27.83 30.26 12.05
C LEU B 593 26.64 30.91 12.74
N ALA B 594 26.70 31.13 14.04
CA ALA B 594 25.57 31.73 14.75
C ALA B 594 25.33 33.17 14.30
N ASN B 595 26.39 33.94 14.11
CA ASN B 595 26.28 35.36 13.80
C ASN B 595 26.52 35.67 12.33
N THR B 596 26.70 34.65 11.49
CA THR B 596 26.96 34.87 10.07
C THR B 596 26.11 33.91 9.25
N LYS B 597 25.85 34.32 8.00
CA LYS B 597 25.11 33.49 7.05
C LYS B 597 26.11 32.67 6.25
N LYS B 598 26.52 31.55 6.84
CA LYS B 598 27.49 30.65 6.22
C LYS B 598 26.96 29.23 6.24
N ALA B 599 27.13 28.53 5.12
CA ALA B 599 26.75 27.13 4.99
C ALA B 599 28.02 26.30 4.84
N MET B 600 28.18 25.31 5.73
CA MET B 600 29.39 24.48 5.73
C MET B 600 29.17 23.30 4.79
N ILE B 601 29.93 23.23 3.71
CA ILE B 601 29.75 22.21 2.69
C ILE B 601 30.55 20.97 3.08
N VAL B 602 29.91 19.81 3.00
CA VAL B 602 30.57 18.52 3.22
C VAL B 602 30.80 17.88 1.85
N PRO B 603 32.04 17.60 1.47
CA PRO B 603 32.29 17.01 0.15
C PRO B 603 31.60 15.66 -0.02
N ALA B 604 31.11 15.42 -1.22
CA ALA B 604 30.33 14.23 -1.54
C ALA B 604 31.09 13.34 -2.51
N PHE B 605 31.17 12.05 -2.16
CA PHE B 605 31.81 11.05 -3.00
C PHE B 605 30.82 9.92 -3.26
N GLU B 606 31.10 9.13 -4.29
CA GLU B 606 30.23 8.02 -4.66
C GLU B 606 31.06 6.78 -4.94
N THR B 607 30.43 5.63 -4.77
CA THR B 607 31.05 4.34 -5.05
C THR B 607 30.04 3.46 -5.77
N LEU B 608 30.56 2.44 -6.45
CA LEU B 608 29.72 1.50 -7.17
C LEU B 608 29.75 0.10 -6.57
N ARG B 609 30.57 -0.13 -5.53
CA ARG B 609 30.68 -1.44 -4.90
C ARG B 609 29.94 -1.43 -3.58
N TYR B 610 29.00 -2.37 -3.42
CA TYR B 610 28.24 -2.44 -2.18
C TYR B 610 29.14 -2.79 -1.00
N ARG B 611 30.04 -3.75 -1.18
CA ARG B 611 31.01 -4.09 -0.14
C ARG B 611 32.12 -3.04 -0.16
N LEU B 612 32.17 -2.22 0.87
CA LEU B 612 33.12 -1.12 0.95
C LEU B 612 33.77 -1.11 2.32
N SER B 613 35.11 -1.00 2.34
CA SER B 613 35.84 -0.79 3.58
C SER B 613 35.91 0.71 3.83
N PHE B 614 35.08 1.18 4.75
CA PHE B 614 34.94 2.61 4.95
C PHE B 614 36.22 3.18 5.56
N PRO B 615 36.82 4.20 4.96
CA PRO B 615 38.07 4.75 5.50
C PRO B 615 37.86 5.38 6.86
N LYS B 616 38.91 5.31 7.67
CA LYS B 616 38.91 5.91 9.00
C LYS B 616 39.68 7.22 9.05
N SER B 617 40.15 7.71 7.90
CA SER B 617 40.90 8.96 7.85
C SER B 617 40.83 9.51 6.43
N LYS B 618 41.21 10.78 6.30
CA LYS B 618 41.20 11.42 4.99
C LYS B 618 42.27 10.83 4.06
N ALA B 619 43.42 10.44 4.62
CA ALA B 619 44.48 9.88 3.81
C ALA B 619 44.05 8.58 3.15
N GLU B 620 43.34 7.73 3.89
CA GLU B 620 42.84 6.49 3.30
C GLU B 620 41.82 6.78 2.19
N LEU B 621 40.99 7.81 2.39
CA LEU B 621 40.04 8.20 1.34
C LEU B 621 40.77 8.66 0.09
N LEU B 622 41.82 9.45 0.26
CA LEU B 622 42.61 9.88 -0.90
C LEU B 622 43.26 8.70 -1.59
N SER B 623 43.77 7.74 -0.82
CA SER B 623 44.36 6.54 -1.42
C SER B 623 43.32 5.76 -2.21
N MET B 624 42.11 5.62 -1.67
CA MET B 624 41.04 4.92 -2.39
C MET B 624 40.64 5.67 -3.64
N LEU B 625 40.66 7.00 -3.59
CA LEU B 625 40.39 7.79 -4.79
C LEU B 625 41.46 7.55 -5.85
N ASP B 626 42.73 7.43 -5.42
CA ASP B 626 43.82 7.20 -6.37
C ASP B 626 43.71 5.84 -7.03
N MET B 627 43.22 4.83 -6.31
CA MET B 627 43.12 3.48 -6.84
C MET B 627 41.87 3.27 -7.70
N GLY B 628 41.00 4.26 -7.81
CA GLY B 628 39.81 4.13 -8.62
C GLY B 628 38.65 3.45 -7.93
N THR B 629 38.77 3.10 -6.66
CA THR B 629 37.66 2.47 -5.95
C THR B 629 36.53 3.46 -5.71
N LEU B 630 36.87 4.70 -5.34
CA LEU B 630 35.88 5.73 -5.06
C LEU B 630 36.03 6.86 -6.07
N PHE B 631 34.95 7.62 -6.23
CA PHE B 631 34.92 8.77 -7.12
C PHE B 631 34.18 9.91 -6.44
N THR B 632 34.41 11.12 -6.93
CA THR B 632 33.58 12.24 -6.51
C THR B 632 32.15 12.02 -6.98
N PHE B 633 31.20 12.59 -6.23
CA PHE B 633 29.80 12.33 -6.50
C PHE B 633 29.43 12.81 -7.89
N ARG B 634 28.70 11.95 -8.63
CA ARG B 634 28.28 12.24 -10.00
C ARG B 634 29.47 12.55 -10.91
N TYR B 635 30.58 11.85 -10.70
CA TYR B 635 31.75 12.06 -11.55
C TYR B 635 31.53 11.50 -12.95
N HIS B 636 30.83 10.38 -13.06
CA HIS B 636 30.66 9.71 -14.34
C HIS B 636 29.47 10.20 -15.13
N VAL B 637 28.59 11.02 -14.55
CA VAL B 637 27.37 11.42 -15.23
C VAL B 637 27.29 12.94 -15.33
N TRP B 638 27.27 13.62 -14.18
CA TRP B 638 27.01 15.06 -14.13
C TRP B 638 27.94 15.70 -13.11
N THR B 639 29.12 16.10 -13.56
CA THR B 639 30.11 16.71 -12.67
C THR B 639 29.77 18.14 -12.29
N LYS B 640 28.84 18.78 -12.99
CA LYS B 640 28.49 20.16 -12.69
C LYS B 640 27.90 20.32 -11.29
N GLY B 641 27.32 19.26 -10.74
CA GLY B 641 26.69 19.37 -9.43
C GLY B 641 27.66 19.73 -8.33
N HIS B 642 28.83 19.08 -8.33
CA HIS B 642 29.84 19.31 -7.31
C HIS B 642 31.15 19.84 -7.89
N ALA B 643 31.11 20.39 -9.11
CA ALA B 643 32.30 21.00 -9.69
C ALA B 643 32.83 22.15 -8.85
N PRO B 644 32.02 23.11 -8.39
CA PRO B 644 32.56 24.21 -7.58
C PRO B 644 33.11 23.77 -6.23
N THR B 645 32.98 22.51 -5.86
CA THR B 645 33.53 22.05 -4.59
C THR B 645 35.04 22.16 -4.56
N ASN B 646 35.68 22.08 -5.74
CA ASN B 646 37.14 22.18 -5.86
C ASN B 646 37.83 21.10 -5.04
N PHE B 647 37.59 19.85 -5.44
CA PHE B 647 38.20 18.72 -4.74
C PHE B 647 39.71 18.75 -4.80
N ALA B 648 40.27 19.30 -5.88
CA ALA B 648 41.72 19.38 -6.01
C ALA B 648 42.32 20.22 -4.89
N LYS B 649 41.70 21.36 -4.59
CA LYS B 649 42.15 22.16 -3.45
C LYS B 649 41.81 21.48 -2.14
N TRP B 650 40.71 20.72 -2.10
CA TRP B 650 40.29 20.05 -0.86
C TRP B 650 41.26 18.93 -0.47
N ARG B 651 41.96 18.35 -1.44
CA ARG B 651 42.86 17.23 -1.13
C ARG B 651 43.96 17.64 -0.16
N THR B 652 44.55 18.82 -0.37
CA THR B 652 45.65 19.28 0.46
C THR B 652 45.23 20.36 1.46
N ALA B 653 43.96 20.74 1.49
CA ALA B 653 43.52 21.82 2.37
C ALA B 653 43.53 21.37 3.82
N THR B 654 43.93 22.29 4.71
CA THR B 654 43.91 22.05 6.14
C THR B 654 42.98 22.98 6.91
N THR B 655 42.45 24.02 6.26
CA THR B 655 41.51 24.94 6.87
C THR B 655 40.31 25.13 5.95
N PRO B 656 39.14 25.42 6.51
CA PRO B 656 37.95 25.62 5.66
C PRO B 656 38.17 26.79 4.71
N TYR B 657 37.64 26.65 3.49
CA TYR B 657 37.83 27.66 2.46
C TYR B 657 36.50 27.97 1.79
N ARG B 658 36.34 29.24 1.40
CA ARG B 658 35.11 29.69 0.78
C ARG B 658 35.13 29.42 -0.72
N VAL B 659 33.98 29.03 -1.26
CA VAL B 659 33.80 28.85 -2.70
C VAL B 659 32.65 29.76 -3.15
N GLU B 660 32.48 29.84 -4.47
CA GLU B 660 31.48 30.71 -5.06
C GLU B 660 30.43 29.88 -5.79
N TRP B 661 29.21 30.41 -5.83
CA TRP B 661 28.11 29.71 -6.47
C TRP B 661 28.32 29.64 -7.98
N GLU B 662 27.93 28.51 -8.57
CA GLU B 662 27.97 28.33 -10.01
C GLU B 662 26.69 27.63 -10.45
N ALA B 663 26.51 27.52 -11.76
CA ALA B 663 25.29 26.94 -12.30
C ALA B 663 25.13 25.49 -11.88
N ASP B 664 23.91 25.14 -11.46
CA ASP B 664 23.54 23.79 -11.03
C ASP B 664 24.35 23.31 -9.83
N PHE B 665 24.90 24.23 -9.04
CA PHE B 665 25.59 23.85 -7.82
C PHE B 665 24.60 23.29 -6.81
N GLU B 666 24.96 22.18 -6.17
CA GLU B 666 24.10 21.53 -5.19
C GLU B 666 24.93 20.72 -4.22
N PRO B 667 25.57 21.38 -3.26
CA PRO B 667 26.33 20.67 -2.23
C PRO B 667 25.42 20.20 -1.11
N TYR B 668 26.03 19.62 -0.08
CA TYR B 668 25.34 19.18 1.13
C TYR B 668 25.85 20.03 2.29
N VAL B 669 24.96 20.83 2.86
CA VAL B 669 25.34 21.95 3.72
C VAL B 669 24.84 21.74 5.13
N VAL B 670 25.66 22.15 6.09
CA VAL B 670 25.27 22.35 7.48
C VAL B 670 24.94 23.83 7.64
N VAL B 671 23.74 24.12 8.13
CA VAL B 671 23.21 25.47 8.24
C VAL B 671 22.53 25.62 9.60
N ARG B 672 21.97 26.81 9.83
CA ARG B 672 21.23 27.07 11.06
C ARG B 672 19.82 26.52 10.96
N ARG B 673 19.07 26.63 12.07
CA ARG B 673 17.71 26.11 12.09
C ARG B 673 16.78 26.92 11.20
N ASP B 674 17.02 28.23 11.10
CA ASP B 674 16.15 29.13 10.36
C ASP B 674 16.51 29.24 8.89
N CYS B 675 17.14 28.22 8.33
CA CYS B 675 17.47 28.23 6.90
C CYS B 675 16.18 28.27 6.08
N PRO B 676 16.19 28.95 4.94
CA PRO B 676 14.98 28.98 4.09
C PRO B 676 14.59 27.58 3.64
N GLU B 677 13.28 27.37 3.54
CA GLU B 677 12.73 26.06 3.23
C GLU B 677 12.86 25.76 1.74
N TYR B 678 12.73 24.48 1.42
CA TYR B 678 12.72 24.05 0.03
C TYR B 678 11.40 24.45 -0.64
N ASP B 679 11.44 24.54 -1.97
CA ASP B 679 10.26 24.86 -2.75
C ASP B 679 9.49 23.58 -3.02
N ARG B 680 8.23 23.54 -2.58
CA ARG B 680 7.42 22.34 -2.71
C ARG B 680 6.94 22.09 -4.13
N ARG B 681 7.17 23.02 -5.06
CA ARG B 681 6.70 22.84 -6.43
C ARG B 681 7.45 21.73 -7.17
N PHE B 682 8.59 21.29 -6.64
CA PHE B 682 9.39 20.25 -7.28
C PHE B 682 9.10 18.90 -6.62
N VAL B 683 8.70 17.93 -7.43
CA VAL B 683 8.41 16.59 -6.96
C VAL B 683 9.12 15.59 -7.87
N GLY B 684 9.35 14.38 -7.34
CA GLY B 684 10.02 13.34 -8.13
C GLY B 684 11.52 13.39 -7.93
N PHE B 685 12.27 13.52 -9.03
CA PHE B 685 13.76 13.62 -8.95
C PHE B 685 14.22 14.70 -9.93
N GLY B 686 14.96 15.70 -9.44
CA GLY B 686 15.50 16.72 -10.35
C GLY B 686 15.34 18.13 -9.83
N TRP B 687 16.40 18.94 -9.94
CA TRP B 687 16.35 20.34 -9.55
C TRP B 687 15.82 20.56 -8.13
N ASN B 688 15.79 19.51 -7.31
CA ASN B 688 15.24 19.65 -5.97
C ASN B 688 16.16 20.49 -5.08
N LYS B 689 17.46 20.16 -5.06
CA LYS B 689 18.40 20.89 -4.23
C LYS B 689 18.98 22.12 -4.93
N VAL B 690 18.91 22.17 -6.26
CA VAL B 690 19.45 23.31 -6.99
C VAL B 690 18.68 24.58 -6.61
N ALA B 691 17.35 24.48 -6.53
CA ALA B 691 16.54 25.64 -6.15
C ALA B 691 16.87 26.11 -4.73
N HIS B 692 17.04 25.17 -3.80
CA HIS B 692 17.37 25.56 -2.44
C HIS B 692 18.74 26.21 -2.35
N ILE B 693 19.71 25.70 -3.11
CA ILE B 693 21.04 26.32 -3.09
C ILE B 693 21.00 27.70 -3.72
N MET B 694 20.21 27.88 -4.78
CA MET B 694 20.04 29.20 -5.37
C MET B 694 19.41 30.17 -4.38
N GLU B 695 18.39 29.72 -3.65
CA GLU B 695 17.77 30.57 -2.65
C GLU B 695 18.74 30.91 -1.52
N LEU B 696 19.60 29.96 -1.15
CA LEU B 696 20.64 30.25 -0.16
C LEU B 696 21.60 31.31 -0.68
N ASP B 697 22.02 31.19 -1.93
CA ASP B 697 22.98 32.15 -2.48
C ASP B 697 22.36 33.55 -2.61
N VAL B 698 21.09 33.63 -3.03
CA VAL B 698 20.46 34.92 -3.21
C VAL B 698 20.23 35.64 -1.90
N GLN B 699 20.28 34.92 -0.77
CA GLN B 699 20.14 35.53 0.55
C GLN B 699 21.50 35.77 1.20
N GLU B 700 22.56 35.84 0.40
CA GLU B 700 23.92 36.14 0.89
C GLU B 700 24.38 35.10 1.91
N TYR B 701 24.43 33.85 1.46
CA TYR B 701 25.01 32.77 2.23
C TYR B 701 26.38 32.43 1.66
N GLU B 702 27.36 32.32 2.54
CA GLU B 702 28.73 31.99 2.14
C GLU B 702 28.91 30.48 2.15
N PHE B 703 29.30 29.93 1.01
CA PHE B 703 29.55 28.49 0.91
C PHE B 703 30.98 28.20 1.37
N ILE B 704 31.11 27.41 2.43
CA ILE B 704 32.39 27.09 3.03
C ILE B 704 32.59 25.58 2.96
N VAL B 705 33.73 25.15 2.44
CA VAL B 705 34.09 23.74 2.37
C VAL B 705 35.06 23.44 3.50
N LEU B 706 34.75 22.42 4.29
CA LEU B 706 35.59 21.98 5.39
C LEU B 706 36.66 21.01 4.87
N PRO B 707 37.88 21.06 5.41
CA PRO B 707 38.96 20.22 4.90
C PRO B 707 38.82 18.75 5.26
N ASN B 708 38.48 18.47 6.53
CA ASN B 708 38.53 17.11 7.07
C ASN B 708 37.15 16.49 7.22
N ALA B 709 36.25 16.73 6.27
CA ALA B 709 34.93 16.14 6.28
C ALA B 709 34.62 15.55 4.91
N TYR B 710 33.88 14.44 4.91
CA TYR B 710 33.49 13.80 3.66
C TYR B 710 32.32 12.87 3.91
N MET B 711 31.62 12.53 2.83
CA MET B 711 30.51 11.60 2.86
C MET B 711 30.47 10.84 1.55
N ILE B 712 30.09 9.57 1.61
CA ILE B 712 30.15 8.68 0.46
C ILE B 712 28.74 8.24 0.09
N HIS B 713 28.39 8.43 -1.18
CA HIS B 713 27.06 8.08 -1.68
C HIS B 713 27.05 6.61 -2.06
N MET B 714 26.46 5.78 -1.20
CA MET B 714 26.37 4.36 -1.50
C MET B 714 25.41 4.12 -2.66
N PRO B 715 25.76 3.25 -3.59
CA PRO B 715 24.90 3.05 -4.77
C PRO B 715 23.58 2.44 -4.40
N HIS B 716 22.56 2.77 -5.20
CA HIS B 716 21.21 2.28 -4.97
C HIS B 716 20.50 2.05 -6.29
N ALA B 717 19.67 1.02 -6.32
CA ALA B 717 18.85 0.76 -7.49
C ALA B 717 17.94 1.95 -7.80
N PRO B 718 17.73 2.28 -9.08
CA PRO B 718 16.88 3.43 -9.41
C PRO B 718 15.48 3.25 -8.85
N SER B 719 14.97 4.31 -8.25
CA SER B 719 13.63 4.27 -7.69
C SER B 719 12.59 4.30 -8.80
N PHE B 720 11.34 3.96 -8.44
CA PHE B 720 10.27 4.02 -9.42
C PHE B 720 10.08 5.43 -9.95
N ASP B 721 10.40 6.45 -9.14
CA ASP B 721 10.34 7.82 -9.61
C ASP B 721 11.28 8.03 -10.79
N ILE B 722 12.56 7.67 -10.62
CA ILE B 722 13.52 7.82 -11.71
C ILE B 722 13.03 6.95 -12.86
N THR B 723 12.85 5.66 -12.60
CA THR B 723 12.47 4.72 -13.66
C THR B 723 11.33 5.21 -14.54
N LYS B 724 10.24 5.65 -13.93
CA LYS B 724 9.10 6.13 -14.72
C LYS B 724 9.37 7.52 -15.28
N PHE B 725 9.52 8.51 -14.40
CA PHE B 725 9.75 9.88 -14.81
C PHE B 725 11.25 10.18 -14.76
N ARG B 726 12.00 9.50 -15.63
CA ARG B 726 13.45 9.63 -15.66
C ARG B 726 13.89 10.89 -16.39
N SER B 727 13.30 12.04 -16.03
CA SER B 727 13.63 13.33 -16.64
C SER B 727 13.58 13.25 -18.16
N ASN B 728 12.54 12.58 -18.67
CA ASN B 728 12.37 12.40 -20.11
C ASN B 728 10.91 12.59 -20.49
N LYS B 729 10.70 13.16 -21.67
CA LYS B 729 9.36 13.31 -22.28
C LYS B 729 8.53 14.21 -21.38
N GLN B 730 7.34 13.78 -20.94
CA GLN B 730 6.43 14.66 -20.22
C GLN B 730 7.05 15.17 -18.93
N TYR B 731 7.73 14.28 -18.19
CA TYR B 731 8.34 14.72 -16.93
C TYR B 731 9.45 15.73 -17.18
N ARG B 732 10.25 15.53 -18.23
CA ARG B 732 11.30 16.50 -18.53
C ARG B 732 10.69 17.85 -18.89
N ILE B 733 9.62 17.85 -19.68
CA ILE B 733 8.96 19.11 -20.04
C ILE B 733 8.42 19.80 -18.79
N CYS B 734 7.77 19.04 -17.92
CA CYS B 734 7.18 19.62 -16.72
C CYS B 734 8.25 20.13 -15.76
N LEU B 735 9.35 19.40 -15.63
CA LEU B 735 10.44 19.86 -14.76
C LEU B 735 11.09 21.11 -15.31
N LYS B 736 11.25 21.21 -16.64
CA LYS B 736 11.75 22.44 -17.24
C LYS B 736 10.80 23.59 -16.99
N THR B 737 9.49 23.34 -17.08
CA THR B 737 8.51 24.39 -16.81
C THR B 737 8.58 24.85 -15.35
N LEU B 738 8.72 23.89 -14.42
CA LEU B 738 8.85 24.25 -13.01
C LEU B 738 10.13 25.03 -12.75
N LYS B 739 11.22 24.66 -13.42
CA LYS B 739 12.47 25.42 -13.29
C LYS B 739 12.29 26.84 -13.81
N GLU B 740 11.61 27.01 -14.94
CA GLU B 740 11.36 28.34 -15.46
C GLU B 740 10.51 29.17 -14.50
N GLU B 741 9.48 28.55 -13.93
CA GLU B 741 8.64 29.27 -12.97
C GLU B 741 9.43 29.67 -11.73
N PHE B 742 10.30 28.78 -11.24
CA PHE B 742 11.13 29.12 -10.09
C PHE B 742 12.08 30.27 -10.42
N GLN B 743 12.65 30.26 -11.62
CA GLN B 743 13.53 31.36 -12.03
C GLN B 743 12.76 32.67 -12.10
N GLN B 744 11.53 32.64 -12.63
CA GLN B 744 10.73 33.84 -12.69
C GLN B 744 10.41 34.37 -11.30
N ASP B 745 10.06 33.47 -10.37
CA ASP B 745 9.80 33.89 -9.00
C ASP B 745 11.06 34.45 -8.34
N MET B 746 12.22 33.86 -8.62
CA MET B 746 13.48 34.38 -8.12
C MET B 746 13.72 35.81 -8.63
N SER B 747 13.47 36.02 -9.92
CA SER B 747 13.65 37.35 -10.50
C SER B 747 12.70 38.36 -9.87
N ARG B 748 11.45 37.96 -9.66
CA ARG B 748 10.45 38.89 -9.14
C ARG B 748 10.70 39.22 -7.67
N ARG B 749 11.10 38.23 -6.88
CA ARG B 749 11.15 38.42 -5.43
C ARG B 749 12.32 39.29 -5.00
N TYR B 750 13.49 39.11 -5.61
CA TYR B 750 14.70 39.80 -5.19
C TYR B 750 15.19 40.83 -6.18
N GLY B 751 14.80 40.74 -7.45
CA GLY B 751 15.17 41.74 -8.44
C GLY B 751 16.62 41.70 -8.88
N PHE B 752 17.38 42.74 -8.51
CA PHE B 752 18.75 42.87 -8.99
C PHE B 752 19.66 41.76 -8.44
N ALA B 753 19.47 41.37 -7.17
CA ALA B 753 20.33 40.39 -6.55
C ALA B 753 20.20 39.00 -7.15
N ALA B 754 19.17 38.74 -7.95
CA ALA B 754 18.91 37.42 -8.51
C ALA B 754 19.08 37.39 -10.03
N LEU B 755 19.80 38.36 -10.60
CA LEU B 755 19.94 38.39 -12.05
C LEU B 755 20.92 37.34 -12.56
N LYS B 756 21.92 36.98 -11.77
CA LYS B 756 22.96 36.08 -12.24
C LYS B 756 22.51 34.65 -12.43
N TYR B 757 21.31 34.30 -11.97
CA TYR B 757 20.80 32.93 -12.12
C TYR B 757 20.07 32.70 -13.42
N LEU B 758 19.84 33.75 -14.22
CA LEU B 758 19.13 33.59 -15.48
C LEU B 758 19.92 32.73 -16.46
N THR B 759 21.24 32.89 -16.50
CA THR B 759 22.10 32.16 -17.41
C THR B 759 22.54 30.81 -16.85
N ALA B 760 22.09 30.46 -15.64
CA ALA B 760 22.46 29.18 -15.04
C ALA B 760 21.85 28.01 -15.80
#